data_5IKP
#
_entry.id   5IKP
#
_cell.length_a   172.040
_cell.length_b   172.040
_cell.length_c   123.590
_cell.angle_alpha   90.00
_cell.angle_beta   90.00
_cell.angle_gamma   120.00
#
_symmetry.space_group_name_H-M   'P 6 2 2'
#
loop_
_entity.id
_entity.type
_entity.pdbx_description
1 polymer 'Glycogen phosphorylase, brain form'
2 non-polymer "PYRIDOXAL-5'-PHOSPHATE"
3 non-polymer 'ADENOSINE MONOPHOSPHATE'
#
_entity_poly.entity_id   1
_entity_poly.type   'polypeptide(L)'
_entity_poly.pdbx_seq_one_letter_code
;GSHMAKPLTDSEKRKQISVRGLAGLGDVAEVRKSFNRHLHFTLVKDRNVATPRDYFFALAHTVRDHLVGRWIRTQQHYYE
RDPKRIYYLSLEFYMGRTLQNTMVNLGLQNACDEAIYQLGLDLEELEEIEEDAGLGNGGLGRLAACFLDSMATLGLAAYG
YGIRYEFGIFNQKIVNGWQVEEADDWLRYGNPWEKARPEYMLPVHFYGRVEHTPDGVKWLDTQVVLAMPYDTPVPGYKNN
TVNTMRLWSAKAPNDFKLQDFNVGDYIEAVLDRNLAENISRVLYPNDNFFEGKELRLKQEYFVVAATLQDIIRRFKSSKF
GCRDPVRTCFETFPDKVAIQLNDTHPALSIPELMRILVDVEKVDWDKAWEITKKTCAYTNHTVLPEALERWPVSMFEKLL
PRHLEIIYAINQRHLDHVAALFPGDVDRLRRMSVIEEGDCKRINMAHLCVIGSHAVNGVARIHSEIVKQSVFKDFYELEP
EKFQNKTNGITPRRWLLLCNPGLADTIVEKIGEEFLTDLSQLKKLLPLVSDEVFIRDVAKVKQENKLKFSAFLEKEYKVK
INPSSMFDVHVKRIHEYKRQLLNCLHVVTLYNRIKRDPAKAFVPRTVMIGGKAAPGYHMAKLIIKLVTSIGDVVNHDPVV
GDRLKVIFLENYRVSLAEKVIPAADLSQQISTAGTEASGTGNMKFMLNGALTIGTMDGANVEMAEEAGAENLFIFGLRVE
DVEALDRKGYNAREYYDHLPELKQAVDQISSGFFSPKEPDCFKDIVNMLMHHDRFKVFADYEAYMQCQAQVDQLYRNPKE
WTKKVIRNIACSGKFSSDRTITEYAREIWGVEPSDLQIPPPNIPRD
;
_entity_poly.pdbx_strand_id   A
#
# COMPACT_ATOMS: atom_id res chain seq x y z
N LEU A 25 28.18 -0.82 27.96
CA LEU A 25 27.08 -1.64 27.38
C LEU A 25 27.55 -3.07 27.08
N GLY A 26 26.84 -4.05 27.67
CA GLY A 26 27.07 -5.47 27.43
C GLY A 26 26.24 -5.94 26.24
N ASP A 27 25.32 -5.08 25.80
CA ASP A 27 24.45 -5.26 24.63
C ASP A 27 25.32 -5.24 23.37
N VAL A 28 26.11 -4.17 23.21
CA VAL A 28 27.07 -3.97 22.11
C VAL A 28 27.99 -5.20 22.04
N ALA A 29 28.42 -5.69 23.21
CA ALA A 29 29.26 -6.87 23.34
C ALA A 29 28.53 -8.14 22.89
N GLU A 30 27.29 -8.34 23.40
CA GLU A 30 26.44 -9.51 23.08
C GLU A 30 26.08 -9.63 21.60
N VAL A 31 25.80 -8.50 20.94
CA VAL A 31 25.50 -8.43 19.50
C VAL A 31 26.72 -8.97 18.71
N ARG A 32 27.92 -8.51 19.11
CA ARG A 32 29.19 -8.90 18.51
C ARG A 32 29.47 -10.40 18.67
N LYS A 33 29.07 -10.99 19.82
CA LYS A 33 29.23 -12.44 20.13
C LYS A 33 28.39 -13.33 19.20
N SER A 34 27.09 -13.01 19.09
CA SER A 34 26.10 -13.73 18.28
C SER A 34 26.34 -13.61 16.77
N PHE A 35 26.78 -12.43 16.31
CA PHE A 35 27.12 -12.16 14.89
C PHE A 35 28.18 -13.15 14.39
N ASN A 36 29.24 -13.30 15.19
CA ASN A 36 30.34 -14.21 14.88
C ASN A 36 29.87 -15.66 14.86
N ARG A 37 29.15 -16.10 15.92
CA ARG A 37 28.64 -17.49 15.98
C ARG A 37 27.59 -17.77 14.89
N HIS A 38 26.86 -16.75 14.44
CA HIS A 38 25.93 -16.89 13.33
C HIS A 38 26.70 -17.06 12.02
N LEU A 39 27.75 -16.25 11.83
CA LEU A 39 28.63 -16.32 10.67
C LEU A 39 29.35 -17.67 10.59
N HIS A 40 29.83 -18.16 11.74
CA HIS A 40 30.58 -19.41 11.81
C HIS A 40 29.72 -20.69 11.83
N PHE A 41 28.59 -20.70 12.57
CA PHE A 41 27.72 -21.91 12.69
C PHE A 41 26.52 -21.94 11.74
N THR A 42 25.77 -20.84 11.65
CA THR A 42 24.58 -20.71 10.80
C THR A 42 24.95 -20.56 9.31
N LEU A 43 25.87 -19.63 9.01
CA LEU A 43 26.34 -19.35 7.63
C LEU A 43 27.48 -20.27 7.21
N VAL A 44 28.21 -20.81 8.20
CA VAL A 44 29.39 -21.68 8.04
C VAL A 44 30.41 -21.02 7.10
N LYS A 45 30.97 -19.89 7.57
CA LYS A 45 31.94 -19.05 6.83
C LYS A 45 32.82 -18.24 7.79
N ASP A 46 34.07 -17.99 7.38
CA ASP A 46 35.01 -17.13 8.15
C ASP A 46 35.05 -15.77 7.46
N ARG A 47 35.48 -14.72 8.19
CA ARG A 47 35.52 -13.33 7.67
C ARG A 47 36.32 -13.18 6.36
N ASN A 48 37.26 -14.12 6.12
CA ASN A 48 38.08 -14.14 4.92
C ASN A 48 37.32 -14.52 3.62
N VAL A 49 36.20 -15.24 3.73
CA VAL A 49 35.40 -15.61 2.56
C VAL A 49 33.96 -15.03 2.58
N ALA A 50 33.67 -14.18 3.56
CA ALA A 50 32.32 -13.60 3.72
C ALA A 50 32.08 -12.36 2.84
N THR A 51 30.99 -12.37 2.08
CA THR A 51 30.56 -11.25 1.23
C THR A 51 29.76 -10.26 2.12
N PRO A 52 29.44 -9.01 1.65
CA PRO A 52 28.59 -8.14 2.52
C PRO A 52 27.21 -8.76 2.81
N ARG A 53 26.71 -9.58 1.87
CA ARG A 53 25.46 -10.31 2.02
C ARG A 53 25.58 -11.37 3.14
N ASP A 54 26.73 -12.03 3.24
CA ASP A 54 26.99 -12.98 4.32
C ASP A 54 26.99 -12.21 5.66
N TYR A 55 27.45 -10.94 5.62
CA TYR A 55 27.50 -10.09 6.79
C TYR A 55 26.12 -9.58 7.16
N PHE A 56 25.25 -9.35 6.16
CA PHE A 56 23.86 -8.92 6.39
C PHE A 56 23.09 -10.07 7.05
N PHE A 57 23.11 -11.24 6.43
CA PHE A 57 22.44 -12.44 6.94
C PHE A 57 22.77 -12.75 8.41
N ALA A 58 24.07 -12.71 8.78
CA ALA A 58 24.55 -12.92 10.16
C ALA A 58 23.98 -11.89 11.11
N LEU A 59 23.88 -10.63 10.64
CA LEU A 59 23.32 -9.54 11.44
C LEU A 59 21.81 -9.75 11.58
N ALA A 60 21.13 -9.93 10.45
CA ALA A 60 19.68 -10.19 10.36
C ALA A 60 19.27 -11.35 11.27
N HIS A 61 20.07 -12.42 11.30
CA HIS A 61 19.81 -13.57 12.17
C HIS A 61 19.98 -13.23 13.64
N THR A 62 20.91 -12.34 13.97
CA THR A 62 21.12 -11.90 15.33
C THR A 62 19.87 -11.11 15.83
N VAL A 63 19.36 -10.22 14.98
CA VAL A 63 18.20 -9.39 15.30
C VAL A 63 16.91 -10.23 15.36
N ARG A 64 16.83 -11.29 14.55
CA ARG A 64 15.67 -12.20 14.54
C ARG A 64 15.58 -13.01 15.84
N ASP A 65 16.73 -13.41 16.40
CA ASP A 65 16.82 -14.17 17.66
C ASP A 65 16.15 -13.47 18.84
N HIS A 66 16.24 -12.15 18.88
CA HIS A 66 15.62 -11.34 19.94
C HIS A 66 14.10 -11.27 19.78
N LEU A 67 13.62 -11.36 18.54
CA LEU A 67 12.18 -11.40 18.22
C LEU A 67 11.52 -12.72 18.62
N VAL A 68 12.25 -13.83 18.41
CA VAL A 68 11.84 -15.21 18.68
C VAL A 68 11.34 -15.42 20.13
N GLY A 69 12.08 -14.85 21.09
CA GLY A 69 11.74 -14.92 22.51
C GLY A 69 10.34 -14.43 22.83
N ARG A 70 9.99 -13.26 22.27
CA ARG A 70 8.66 -12.67 22.38
C ARG A 70 7.68 -13.51 21.55
N TRP A 71 7.94 -13.65 20.24
CA TRP A 71 7.11 -14.41 19.27
C TRP A 71 6.55 -15.71 19.84
N ILE A 72 7.41 -16.62 20.32
CA ILE A 72 6.97 -17.91 20.91
C ILE A 72 5.96 -17.68 22.06
N ARG A 73 6.28 -16.76 22.98
CA ARG A 73 5.42 -16.43 24.12
C ARG A 73 4.10 -15.78 23.69
N THR A 74 4.16 -14.83 22.75
CA THR A 74 2.97 -14.12 22.24
C THR A 74 1.96 -15.09 21.68
N GLN A 75 2.43 -16.01 20.84
CA GLN A 75 1.58 -17.00 20.20
C GLN A 75 1.12 -18.09 21.17
N GLN A 76 1.88 -18.37 22.22
CA GLN A 76 1.42 -19.34 23.23
C GLN A 76 0.44 -18.67 24.22
N HIS A 77 0.63 -17.38 24.45
CA HIS A 77 -0.21 -16.56 25.32
C HIS A 77 -1.63 -16.47 24.75
N TYR A 78 -1.73 -16.38 23.41
CA TYR A 78 -3.02 -16.33 22.70
C TYR A 78 -3.76 -17.67 22.79
N TYR A 79 -3.00 -18.77 22.74
CA TYR A 79 -3.57 -20.13 22.87
C TYR A 79 -4.09 -20.32 24.30
N GLU A 80 -3.30 -19.85 25.27
CA GLU A 80 -3.59 -19.88 26.70
C GLU A 80 -4.83 -19.04 27.05
N ARG A 81 -4.71 -17.70 26.92
CA ARG A 81 -5.76 -16.75 27.27
C ARG A 81 -6.77 -16.47 26.13
N ASP A 82 -7.11 -17.51 25.34
CA ASP A 82 -7.99 -17.48 24.11
C ASP A 82 -8.74 -16.17 23.82
N PRO A 83 -8.07 -15.18 23.16
CA PRO A 83 -8.78 -13.94 22.82
C PRO A 83 -9.44 -14.04 21.45
N LYS A 84 -10.16 -12.99 21.02
CA LYS A 84 -10.74 -12.98 19.68
C LYS A 84 -9.57 -12.68 18.75
N ARG A 85 -9.46 -13.46 17.67
CA ARG A 85 -8.36 -13.31 16.71
C ARG A 85 -8.84 -12.47 15.51
N ILE A 86 -7.99 -11.52 15.08
CA ILE A 86 -8.24 -10.65 13.92
C ILE A 86 -7.47 -11.26 12.74
N TYR A 87 -8.11 -11.35 11.58
CA TYR A 87 -7.46 -11.89 10.40
C TYR A 87 -7.56 -10.89 9.27
N TYR A 88 -6.41 -10.34 8.89
CA TYR A 88 -6.33 -9.36 7.82
C TYR A 88 -5.92 -10.10 6.56
N LEU A 89 -6.89 -10.24 5.66
CA LEU A 89 -6.70 -10.93 4.39
C LEU A 89 -6.47 -9.89 3.31
N SER A 90 -5.28 -9.95 2.69
CA SER A 90 -4.90 -9.06 1.61
C SER A 90 -3.97 -9.77 0.64
N LEU A 91 -4.10 -9.45 -0.65
CA LEU A 91 -3.20 -9.99 -1.68
C LEU A 91 -1.85 -9.23 -1.64
N GLU A 92 -1.95 -7.90 -1.47
CA GLU A 92 -0.83 -6.97 -1.37
C GLU A 92 -0.35 -6.82 0.10
N PHE A 93 0.98 -6.81 0.30
CA PHE A 93 1.65 -6.67 1.61
C PHE A 93 3.01 -5.95 1.42
N TYR A 94 2.97 -4.65 1.12
CA TYR A 94 4.17 -3.80 0.87
C TYR A 94 4.97 -3.59 2.16
N MET A 95 5.65 -4.66 2.60
CA MET A 95 6.41 -4.71 3.86
C MET A 95 7.70 -3.91 3.83
N GLY A 96 8.43 -3.95 2.71
CA GLY A 96 9.71 -3.25 2.56
C GLY A 96 10.85 -3.92 3.32
N ARG A 97 11.79 -3.11 3.82
CA ARG A 97 12.94 -3.62 4.58
C ARG A 97 12.59 -3.83 6.05
N THR A 98 12.98 -5.00 6.58
CA THR A 98 12.64 -5.46 7.92
C THR A 98 13.71 -5.13 8.98
N LEU A 99 15.00 -5.37 8.70
CA LEU A 99 16.13 -5.15 9.66
C LEU A 99 16.01 -3.90 10.53
N GLN A 100 15.89 -2.72 9.90
CA GLN A 100 15.81 -1.40 10.58
C GLN A 100 14.62 -1.26 11.52
N ASN A 101 13.41 -1.61 11.05
CA ASN A 101 12.16 -1.58 11.84
C ASN A 101 12.24 -2.54 13.03
N THR A 102 12.79 -3.73 12.79
CA THR A 102 12.95 -4.80 13.77
C THR A 102 13.85 -4.34 14.94
N MET A 103 15.07 -3.84 14.66
CA MET A 103 15.99 -3.39 15.73
C MET A 103 15.55 -2.07 16.42
N VAL A 104 14.68 -1.27 15.79
CA VAL A 104 14.13 -0.04 16.41
C VAL A 104 13.01 -0.41 17.39
N ASN A 105 12.17 -1.38 17.02
CA ASN A 105 11.10 -1.92 17.86
C ASN A 105 11.69 -2.77 19.02
N LEU A 106 13.01 -3.07 18.94
CA LEU A 106 13.79 -3.80 19.94
C LEU A 106 14.76 -2.90 20.72
N GLY A 107 14.97 -1.66 20.23
CA GLY A 107 15.84 -0.66 20.84
C GLY A 107 17.35 -0.90 20.70
N LEU A 108 17.71 -1.99 20.02
CA LEU A 108 19.10 -2.40 19.82
C LEU A 108 19.78 -1.62 18.69
N GLN A 109 19.04 -0.75 17.97
CA GLN A 109 19.55 0.09 16.85
C GLN A 109 20.93 0.71 17.17
N ASN A 110 21.06 1.30 18.36
CA ASN A 110 22.30 1.92 18.82
C ASN A 110 23.39 0.89 19.12
N ALA A 111 23.04 -0.17 19.88
CA ALA A 111 23.96 -1.27 20.22
C ALA A 111 24.52 -1.98 18.97
N CYS A 112 23.65 -2.20 17.97
CA CYS A 112 23.99 -2.82 16.68
C CYS A 112 24.87 -1.91 15.85
N ASP A 113 24.57 -0.60 15.86
CA ASP A 113 25.33 0.45 15.15
C ASP A 113 26.77 0.49 15.66
N GLU A 114 26.94 0.34 16.97
CA GLU A 114 28.24 0.32 17.63
C GLU A 114 28.96 -1.02 17.38
N ALA A 115 28.22 -2.12 17.52
CA ALA A 115 28.76 -3.48 17.32
C ALA A 115 29.18 -3.78 15.89
N ILE A 116 28.40 -3.29 14.91
CA ILE A 116 28.72 -3.46 13.47
C ILE A 116 29.97 -2.64 13.13
N TYR A 117 30.08 -1.42 13.68
CA TYR A 117 31.27 -0.55 13.55
C TYR A 117 32.48 -1.29 14.10
N GLN A 118 32.33 -1.85 15.32
CA GLN A 118 33.35 -2.65 16.02
C GLN A 118 33.83 -3.89 15.24
N LEU A 119 33.09 -4.30 14.20
CA LEU A 119 33.45 -5.44 13.34
C LEU A 119 34.04 -4.99 12.00
N GLY A 120 34.28 -3.69 11.87
CA GLY A 120 34.85 -3.08 10.66
C GLY A 120 33.89 -3.05 9.49
N LEU A 121 32.61 -2.88 9.79
CA LEU A 121 31.52 -2.87 8.80
C LEU A 121 30.59 -1.68 9.06
N ASP A 122 29.89 -1.24 8.03
CA ASP A 122 28.93 -0.12 8.13
C ASP A 122 27.51 -0.71 8.11
N LEU A 123 26.71 -0.32 9.13
CA LEU A 123 25.32 -0.77 9.28
C LEU A 123 24.53 -0.32 8.06
N GLU A 124 24.63 0.98 7.71
CA GLU A 124 23.99 1.63 6.56
C GLU A 124 24.29 0.87 5.27
N GLU A 125 25.52 0.35 5.16
CA GLU A 125 25.94 -0.49 4.02
C GLU A 125 25.14 -1.80 4.00
N LEU A 126 25.05 -2.48 5.16
CA LEU A 126 24.32 -3.75 5.30
C LEU A 126 22.82 -3.59 5.07
N GLU A 127 22.25 -2.49 5.56
CA GLU A 127 20.85 -2.15 5.39
C GLU A 127 20.48 -2.01 3.92
N GLU A 128 21.40 -1.47 3.11
CA GLU A 128 21.20 -1.30 1.66
C GLU A 128 21.27 -2.61 0.88
N ILE A 129 21.95 -3.63 1.45
CA ILE A 129 22.08 -4.99 0.89
C ILE A 129 20.71 -5.70 0.89
N GLU A 130 19.96 -5.56 2.01
CA GLU A 130 18.63 -6.16 2.19
C GLU A 130 17.70 -5.79 1.04
N GLU A 131 16.99 -6.79 0.52
CA GLU A 131 16.04 -6.63 -0.57
C GLU A 131 14.68 -6.19 -0.05
N ASP A 132 13.93 -5.51 -0.91
CA ASP A 132 12.57 -5.07 -0.59
C ASP A 132 11.67 -6.29 -0.70
N ALA A 133 10.82 -6.50 0.31
CA ALA A 133 9.91 -7.62 0.37
C ALA A 133 8.89 -7.46 -0.77
N GLY A 134 9.07 -8.26 -1.81
CA GLY A 134 8.23 -8.23 -3.02
C GLY A 134 6.85 -8.80 -2.80
N LEU A 135 6.06 -8.14 -1.97
CA LEU A 135 4.73 -8.61 -1.59
C LEU A 135 3.61 -7.58 -1.83
N GLY A 136 3.99 -6.32 -2.11
CA GLY A 136 3.07 -5.22 -2.38
C GLY A 136 3.28 -4.53 -3.72
N ASN A 137 2.40 -3.56 -4.01
CA ASN A 137 2.40 -2.82 -5.29
C ASN A 137 2.07 -1.33 -5.13
N GLY A 138 1.23 -0.96 -4.16
CA GLY A 138 0.82 0.42 -3.96
C GLY A 138 0.28 0.74 -2.58
N GLY A 139 -0.68 1.68 -2.54
CA GLY A 139 -1.34 2.16 -1.31
C GLY A 139 -1.99 1.10 -0.43
N LEU A 140 -2.63 0.12 -1.08
CA LEU A 140 -3.31 -1.04 -0.44
C LEU A 140 -2.31 -1.94 0.29
N GLY A 141 -1.15 -2.12 -0.33
CA GLY A 141 -0.06 -2.92 0.20
C GLY A 141 0.53 -2.32 1.45
N ARG A 142 0.85 -1.01 1.39
CA ARG A 142 1.42 -0.29 2.53
C ARG A 142 0.42 -0.19 3.69
N LEU A 143 -0.86 0.03 3.33
CA LEU A 143 -2.00 0.06 4.27
C LEU A 143 -1.93 -1.20 5.14
N ALA A 144 -1.79 -2.35 4.49
CA ALA A 144 -1.66 -3.64 5.18
C ALA A 144 -0.46 -3.66 6.12
N ALA A 145 0.73 -3.32 5.62
CA ALA A 145 1.99 -3.34 6.38
C ALA A 145 2.02 -2.39 7.58
N CYS A 146 1.36 -1.24 7.47
CA CYS A 146 1.26 -0.24 8.53
C CYS A 146 0.36 -0.81 9.63
N PHE A 147 -0.86 -1.22 9.22
CA PHE A 147 -1.91 -1.83 10.05
C PHE A 147 -1.33 -2.97 10.88
N LEU A 148 -0.55 -3.84 10.24
CA LEU A 148 0.11 -4.98 10.88
C LEU A 148 1.01 -4.58 12.06
N ASP A 149 1.77 -3.47 11.91
CA ASP A 149 2.62 -2.94 12.98
C ASP A 149 1.77 -2.35 14.10
N SER A 150 0.76 -1.54 13.75
CA SER A 150 -0.16 -0.91 14.72
C SER A 150 -0.88 -1.93 15.62
N MET A 151 -1.40 -3.01 15.05
CA MET A 151 -2.06 -4.09 15.80
C MET A 151 -1.09 -4.72 16.78
N ALA A 152 0.17 -4.90 16.35
CA ALA A 152 1.25 -5.46 17.18
C ALA A 152 1.60 -4.51 18.34
N THR A 153 1.75 -3.21 18.03
CA THR A 153 2.06 -2.16 19.00
C THR A 153 0.90 -1.99 20.00
N LEU A 154 -0.35 -2.19 19.55
CA LEU A 154 -1.53 -2.06 20.42
C LEU A 154 -1.93 -3.35 21.16
N GLY A 155 -1.00 -4.32 21.21
CA GLY A 155 -1.19 -5.59 21.91
C GLY A 155 -2.28 -6.52 21.40
N LEU A 156 -2.85 -6.24 20.23
CA LEU A 156 -3.95 -7.00 19.60
C LEU A 156 -3.56 -8.43 19.20
N ALA A 157 -4.57 -9.32 19.13
CA ALA A 157 -4.41 -10.73 18.76
C ALA A 157 -4.67 -10.93 17.25
N ALA A 158 -3.83 -10.30 16.44
CA ALA A 158 -4.03 -10.25 14.99
C ALA A 158 -3.02 -11.11 14.20
N TYR A 159 -3.43 -11.44 12.97
CA TYR A 159 -2.68 -12.27 12.00
C TYR A 159 -2.86 -11.65 10.60
N GLY A 160 -1.76 -11.63 9.83
CA GLY A 160 -1.76 -11.19 8.43
C GLY A 160 -1.67 -12.37 7.48
N TYR A 161 -2.70 -12.54 6.64
CA TYR A 161 -2.76 -13.66 5.68
C TYR A 161 -2.66 -13.16 4.24
N GLY A 162 -1.72 -13.75 3.50
CA GLY A 162 -1.46 -13.40 2.09
C GLY A 162 -0.66 -14.42 1.31
N ILE A 163 -0.26 -14.04 0.09
CA ILE A 163 0.55 -14.91 -0.81
C ILE A 163 2.04 -14.58 -0.70
N ARG A 164 2.88 -15.63 -0.67
CA ARG A 164 4.32 -15.52 -0.72
C ARG A 164 4.74 -15.52 -2.22
N TYR A 165 4.67 -14.33 -2.85
CA TYR A 165 5.07 -14.12 -4.22
C TYR A 165 6.58 -14.29 -4.26
N GLU A 166 7.08 -15.05 -5.24
CA GLU A 166 8.51 -15.35 -5.36
C GLU A 166 9.29 -14.28 -6.14
N PHE A 167 8.60 -13.61 -7.08
CA PHE A 167 9.20 -12.62 -7.98
C PHE A 167 8.59 -11.21 -7.85
N GLY A 168 7.77 -11.02 -6.82
CA GLY A 168 7.14 -9.74 -6.52
C GLY A 168 6.35 -9.18 -7.69
N ILE A 169 6.48 -7.87 -7.90
CA ILE A 169 5.80 -7.15 -8.99
C ILE A 169 6.76 -7.02 -10.20
N PHE A 170 7.90 -6.33 -10.00
CA PHE A 170 9.04 -6.10 -10.94
C PHE A 170 9.94 -4.98 -10.41
N ASN A 171 11.14 -4.88 -10.98
CA ASN A 171 12.09 -3.81 -10.66
C ASN A 171 12.07 -2.79 -11.82
N GLN A 172 12.01 -1.52 -11.48
CA GLN A 172 12.00 -0.48 -12.51
C GLN A 172 13.43 -0.12 -12.89
N LYS A 173 13.70 -0.11 -14.20
CA LYS A 173 14.98 0.27 -14.75
C LYS A 173 14.71 1.24 -15.87
N ILE A 174 15.27 2.46 -15.76
CA ILE A 174 15.11 3.44 -16.83
C ILE A 174 16.26 3.23 -17.82
N VAL A 175 15.91 2.69 -19.00
CA VAL A 175 16.84 2.39 -20.11
C VAL A 175 16.51 3.33 -21.27
N ASN A 176 17.50 4.15 -21.68
CA ASN A 176 17.37 5.15 -22.75
C ASN A 176 16.21 6.14 -22.44
N GLY A 177 15.98 6.35 -21.14
CA GLY A 177 14.92 7.23 -20.66
C GLY A 177 13.55 6.60 -20.48
N TRP A 178 13.36 5.37 -20.99
CA TRP A 178 12.08 4.63 -20.90
C TRP A 178 12.09 3.61 -19.74
N GLN A 179 10.91 3.12 -19.32
CA GLN A 179 10.82 2.10 -18.26
C GLN A 179 10.95 0.68 -18.83
N VAL A 180 11.85 -0.11 -18.22
CA VAL A 180 12.09 -1.51 -18.54
C VAL A 180 11.82 -2.33 -17.27
N GLU A 181 11.00 -3.38 -17.42
CA GLU A 181 10.66 -4.27 -16.30
C GLU A 181 11.73 -5.34 -16.17
N GLU A 182 12.23 -5.47 -14.95
CA GLU A 182 13.26 -6.43 -14.59
C GLU A 182 12.60 -7.35 -13.53
N ALA A 183 12.94 -8.64 -13.55
CA ALA A 183 12.36 -9.61 -12.60
C ALA A 183 12.90 -9.35 -11.19
N ASP A 184 12.04 -9.41 -10.17
CA ASP A 184 12.48 -9.20 -8.77
C ASP A 184 12.77 -10.53 -8.04
N ASP A 185 13.99 -11.05 -8.18
CA ASP A 185 14.40 -12.29 -7.52
C ASP A 185 14.86 -11.98 -6.07
N TRP A 186 13.94 -11.45 -5.26
CA TRP A 186 14.23 -11.07 -3.86
C TRP A 186 14.41 -12.28 -2.93
N LEU A 187 14.10 -13.49 -3.44
CA LEU A 187 14.22 -14.75 -2.70
C LEU A 187 15.36 -15.62 -3.23
N ARG A 188 16.19 -15.05 -4.12
CA ARG A 188 17.37 -15.72 -4.71
C ARG A 188 18.27 -16.24 -3.60
N TYR A 189 18.62 -15.34 -2.67
CA TYR A 189 19.46 -15.65 -1.53
C TYR A 189 18.61 -16.04 -0.32
N GLY A 190 17.29 -15.84 -0.44
CA GLY A 190 16.30 -16.21 0.59
C GLY A 190 16.13 -15.16 1.69
N ASN A 191 14.92 -15.10 2.24
CA ASN A 191 14.55 -14.16 3.33
C ASN A 191 15.10 -14.69 4.67
N PRO A 192 15.98 -13.93 5.38
CA PRO A 192 16.44 -14.41 6.70
C PRO A 192 15.40 -14.24 7.81
N TRP A 193 14.26 -13.62 7.50
CA TRP A 193 13.19 -13.34 8.46
C TRP A 193 12.12 -14.44 8.54
N GLU A 194 11.58 -14.88 7.39
CA GLU A 194 10.50 -15.90 7.34
C GLU A 194 10.95 -17.30 7.79
N LYS A 195 10.03 -18.00 8.46
CA LYS A 195 10.24 -19.39 8.88
C LYS A 195 9.19 -20.25 8.21
N ALA A 196 9.66 -21.21 7.40
CA ALA A 196 8.80 -22.13 6.68
C ALA A 196 8.19 -23.11 7.65
N ARG A 197 6.89 -23.38 7.49
CA ARG A 197 6.16 -24.35 8.34
C ARG A 197 5.53 -25.44 7.45
N PRO A 198 6.35 -26.34 6.86
CA PRO A 198 5.75 -27.37 5.99
C PRO A 198 4.79 -28.33 6.71
N GLU A 199 4.83 -28.37 8.05
CA GLU A 199 3.92 -29.21 8.82
C GLU A 199 2.47 -28.65 8.85
N TYR A 200 2.32 -27.32 8.77
CA TYR A 200 1.00 -26.64 8.80
C TYR A 200 0.34 -26.52 7.40
N MET A 201 0.86 -27.29 6.42
CA MET A 201 0.41 -27.37 5.02
C MET A 201 -1.07 -27.75 4.86
N LEU A 202 -1.73 -27.19 3.85
CA LEU A 202 -3.17 -27.41 3.59
C LEU A 202 -3.48 -27.62 2.09
N PRO A 203 -4.54 -28.39 1.76
CA PRO A 203 -4.88 -28.55 0.34
C PRO A 203 -5.88 -27.50 -0.16
N VAL A 204 -5.68 -27.03 -1.40
CA VAL A 204 -6.61 -26.09 -2.06
C VAL A 204 -7.19 -26.85 -3.24
N HIS A 205 -8.52 -26.91 -3.32
CA HIS A 205 -9.21 -27.69 -4.36
C HIS A 205 -9.66 -26.85 -5.54
N PHE A 206 -9.59 -27.45 -6.75
CA PHE A 206 -9.98 -26.76 -7.98
C PHE A 206 -10.75 -27.67 -8.94
N TYR A 207 -11.51 -27.03 -9.81
CA TYR A 207 -12.33 -27.65 -10.86
C TYR A 207 -13.27 -28.71 -10.31
N GLY A 208 -13.20 -29.94 -10.83
CA GLY A 208 -14.01 -31.06 -10.37
C GLY A 208 -15.51 -30.91 -10.60
N ARG A 209 -16.27 -31.75 -9.90
CA ARG A 209 -17.74 -31.77 -9.99
C ARG A 209 -18.42 -31.80 -8.60
N VAL A 210 -19.69 -31.39 -8.59
CA VAL A 210 -20.52 -31.36 -7.39
C VAL A 210 -21.51 -32.56 -7.40
N GLU A 211 -21.96 -33.00 -6.21
CA GLU A 211 -22.86 -34.14 -6.03
C GLU A 211 -23.67 -33.97 -4.74
N HIS A 212 -24.97 -34.23 -4.78
CA HIS A 212 -25.84 -34.09 -3.59
C HIS A 212 -26.24 -35.46 -3.00
N THR A 213 -25.42 -35.92 -2.04
CA THR A 213 -25.61 -37.21 -1.35
C THR A 213 -26.50 -37.02 -0.09
N PRO A 214 -27.12 -38.10 0.46
CA PRO A 214 -27.89 -37.96 1.71
C PRO A 214 -27.06 -37.48 2.91
N ASP A 215 -25.76 -37.80 2.91
CA ASP A 215 -24.80 -37.35 3.96
C ASP A 215 -24.63 -35.83 3.92
N GLY A 216 -24.27 -35.30 2.74
CA GLY A 216 -24.09 -33.87 2.50
C GLY A 216 -23.75 -33.54 1.05
N VAL A 217 -23.32 -32.29 0.79
CA VAL A 217 -22.90 -31.90 -0.56
C VAL A 217 -21.43 -32.24 -0.68
N LYS A 218 -21.07 -32.94 -1.76
CA LYS A 218 -19.70 -33.41 -1.95
C LYS A 218 -19.08 -32.88 -3.25
N TRP A 219 -17.87 -32.32 -3.12
CA TRP A 219 -17.09 -31.73 -4.23
C TRP A 219 -15.92 -32.67 -4.57
N LEU A 220 -16.17 -33.50 -5.60
CA LEU A 220 -15.27 -34.58 -6.03
C LEU A 220 -14.60 -34.28 -7.38
N ASP A 221 -13.75 -35.22 -7.83
CA ASP A 221 -12.99 -35.18 -9.11
C ASP A 221 -12.17 -33.86 -9.23
N THR A 222 -11.76 -33.34 -8.06
CA THR A 222 -11.05 -32.07 -7.93
C THR A 222 -9.56 -32.20 -8.19
N GLN A 223 -8.98 -31.12 -8.73
CA GLN A 223 -7.56 -30.95 -8.95
C GLN A 223 -7.02 -30.25 -7.69
N VAL A 224 -5.94 -30.77 -7.10
CA VAL A 224 -5.43 -30.25 -5.82
C VAL A 224 -4.05 -29.54 -5.96
N VAL A 225 -3.95 -28.38 -5.29
CA VAL A 225 -2.75 -27.54 -5.16
C VAL A 225 -2.43 -27.44 -3.65
N LEU A 226 -1.16 -27.61 -3.31
CA LEU A 226 -0.73 -27.54 -1.91
C LEU A 226 -0.45 -26.11 -1.49
N ALA A 227 -0.78 -25.77 -0.25
CA ALA A 227 -0.54 -24.45 0.30
C ALA A 227 0.46 -24.60 1.43
N MET A 228 1.69 -24.13 1.19
CA MET A 228 2.78 -24.23 2.16
C MET A 228 3.00 -22.88 2.85
N PRO A 229 2.76 -22.80 4.18
CA PRO A 229 2.89 -21.50 4.88
C PRO A 229 4.32 -21.14 5.34
N TYR A 230 4.61 -19.84 5.28
CA TYR A 230 5.88 -19.23 5.70
C TYR A 230 5.53 -18.06 6.67
N ASP A 231 5.92 -18.19 7.93
CA ASP A 231 5.58 -17.19 8.96
C ASP A 231 6.69 -16.16 9.20
N THR A 232 6.31 -14.87 9.23
CA THR A 232 7.24 -13.76 9.48
C THR A 232 6.73 -12.94 10.68
N PRO A 233 7.57 -12.74 11.74
CA PRO A 233 7.11 -12.02 12.94
C PRO A 233 6.82 -10.52 12.74
N VAL A 234 5.77 -10.01 13.38
CA VAL A 234 5.43 -8.59 13.29
C VAL A 234 5.64 -7.99 14.69
N PRO A 235 6.79 -7.29 14.94
CA PRO A 235 7.02 -6.77 16.29
C PRO A 235 6.27 -5.48 16.61
N GLY A 236 5.90 -5.37 17.89
CA GLY A 236 5.25 -4.19 18.43
C GLY A 236 6.31 -3.32 19.09
N TYR A 237 6.14 -2.01 19.02
CA TYR A 237 7.08 -1.03 19.58
C TYR A 237 7.05 -1.08 21.10
N LYS A 238 8.23 -1.33 21.70
CA LYS A 238 8.45 -1.39 23.17
C LYS A 238 7.81 -2.66 23.81
N ASN A 239 6.50 -2.87 23.60
CA ASN A 239 5.74 -4.01 24.15
C ASN A 239 6.19 -5.38 23.63
N ASN A 240 6.14 -6.38 24.53
CA ASN A 240 6.57 -7.75 24.24
C ASN A 240 5.63 -8.52 23.27
N THR A 241 4.62 -7.85 22.71
CA THR A 241 3.66 -8.42 21.76
C THR A 241 4.24 -8.42 20.32
N VAL A 242 4.62 -9.63 19.85
CA VAL A 242 5.18 -9.87 18.50
C VAL A 242 4.26 -10.87 17.75
N ASN A 243 3.48 -10.34 16.81
CA ASN A 243 2.52 -11.12 16.02
C ASN A 243 3.19 -11.96 14.92
N THR A 244 2.37 -12.58 14.07
CA THR A 244 2.85 -13.45 13.00
C THR A 244 2.13 -13.16 11.67
N MET A 245 2.88 -13.24 10.56
CA MET A 245 2.33 -13.05 9.21
C MET A 245 2.54 -14.36 8.45
N ARG A 246 1.41 -14.97 8.07
CA ARG A 246 1.37 -16.25 7.36
C ARG A 246 1.19 -15.95 5.91
N LEU A 247 2.21 -16.24 5.09
CA LEU A 247 2.12 -16.05 3.65
C LEU A 247 2.26 -17.41 3.01
N TRP A 248 1.32 -17.72 2.11
CA TRP A 248 1.22 -19.05 1.50
C TRP A 248 1.99 -19.17 0.18
N SER A 249 2.68 -20.29 0.02
CA SER A 249 3.45 -20.64 -1.17
C SER A 249 2.83 -21.85 -1.86
N ALA A 250 2.47 -21.67 -3.12
CA ALA A 250 1.86 -22.72 -3.94
C ALA A 250 2.90 -23.76 -4.33
N LYS A 251 2.52 -25.03 -4.14
CA LYS A 251 3.32 -26.23 -4.44
C LYS A 251 2.36 -27.26 -5.02
N ALA A 252 2.87 -28.24 -5.77
CA ALA A 252 2.02 -29.26 -6.38
C ALA A 252 2.24 -30.65 -5.74
N PRO A 253 1.14 -31.45 -5.59
CA PRO A 253 1.29 -32.79 -4.98
C PRO A 253 2.14 -33.76 -5.81
N ASN A 254 2.98 -34.55 -5.11
CA ASN A 254 3.91 -35.53 -5.70
C ASN A 254 3.25 -36.92 -5.91
N ASP A 255 3.92 -37.80 -6.68
CA ASP A 255 3.53 -39.21 -6.87
C ASP A 255 4.44 -40.13 -6.02
N ASP A 260 2.57 -47.10 -14.70
CA ASP A 260 2.28 -45.97 -13.83
C ASP A 260 1.84 -44.72 -14.64
N PHE A 261 2.68 -44.25 -15.58
CA PHE A 261 2.42 -43.04 -16.39
C PHE A 261 2.95 -43.13 -17.83
N ASN A 262 2.27 -42.44 -18.75
CA ASN A 262 2.66 -42.31 -20.16
C ASN A 262 3.14 -40.88 -20.42
N VAL A 263 3.30 -40.50 -21.70
CA VAL A 263 3.70 -39.13 -22.10
C VAL A 263 2.61 -38.14 -21.72
N GLY A 264 1.35 -38.51 -21.97
CA GLY A 264 0.17 -37.73 -21.65
C GLY A 264 -0.02 -37.46 -20.17
N ASP A 265 0.46 -38.38 -19.33
CA ASP A 265 0.42 -38.25 -17.87
C ASP A 265 1.74 -37.73 -17.29
N TYR A 266 2.76 -37.56 -18.14
CA TYR A 266 4.04 -36.98 -17.77
C TYR A 266 3.99 -35.48 -18.05
N ILE A 267 3.58 -35.13 -19.27
CA ILE A 267 3.49 -33.74 -19.74
C ILE A 267 2.46 -32.95 -18.96
N GLU A 268 1.29 -33.54 -18.71
CA GLU A 268 0.27 -32.88 -17.90
C GLU A 268 0.83 -32.65 -16.48
N ALA A 269 1.53 -33.66 -15.91
CA ALA A 269 2.12 -33.58 -14.58
C ALA A 269 3.16 -32.48 -14.44
N VAL A 270 4.13 -32.42 -15.36
CA VAL A 270 5.19 -31.39 -15.34
C VAL A 270 4.64 -29.96 -15.59
N LEU A 271 3.54 -29.88 -16.36
CA LEU A 271 2.84 -28.62 -16.65
C LEU A 271 2.02 -28.17 -15.46
N ASP A 272 1.33 -29.11 -14.82
CA ASP A 272 0.48 -28.84 -13.65
C ASP A 272 1.33 -28.42 -12.46
N ARG A 273 2.52 -29.03 -12.33
CA ARG A 273 3.51 -28.71 -11.30
C ARG A 273 3.87 -27.23 -11.38
N ASN A 274 4.19 -26.77 -12.59
CA ASN A 274 4.57 -25.38 -12.89
C ASN A 274 3.39 -24.40 -12.79
N LEU A 275 2.20 -24.81 -13.25
CA LEU A 275 0.99 -23.97 -13.21
C LEU A 275 0.59 -23.62 -11.78
N ALA A 276 0.72 -24.61 -10.90
CA ALA A 276 0.51 -24.44 -9.47
C ALA A 276 1.55 -23.44 -8.93
N GLU A 277 2.81 -23.62 -9.34
CA GLU A 277 3.93 -22.75 -8.95
C GLU A 277 3.77 -21.29 -9.34
N ASN A 278 3.06 -20.99 -10.45
CA ASN A 278 2.84 -19.58 -10.85
C ASN A 278 1.61 -18.91 -10.20
N ILE A 279 1.04 -19.54 -9.18
CA ILE A 279 -0.03 -18.95 -8.37
C ILE A 279 0.66 -18.02 -7.34
N SER A 280 1.74 -18.52 -6.73
CA SER A 280 2.56 -17.76 -5.78
C SER A 280 3.85 -17.28 -6.44
N ARG A 281 3.81 -17.01 -7.75
CA ARG A 281 5.00 -16.56 -8.47
C ARG A 281 5.06 -15.03 -8.63
N VAL A 282 4.04 -14.45 -9.25
CA VAL A 282 4.03 -13.02 -9.58
C VAL A 282 2.69 -12.35 -9.20
N LEU A 283 2.80 -11.15 -8.61
CA LEU A 283 1.66 -10.31 -8.19
C LEU A 283 1.03 -9.65 -9.42
N TYR A 284 -0.32 -9.66 -9.47
CA TYR A 284 -1.18 -9.08 -10.55
C TYR A 284 -0.75 -9.40 -12.00
N PRO A 285 -0.90 -10.66 -12.46
CA PRO A 285 -0.45 -11.00 -13.83
C PRO A 285 -1.47 -10.70 -14.96
N ASN A 286 -0.99 -10.61 -16.20
CA ASN A 286 -1.83 -10.35 -17.38
C ASN A 286 -1.95 -11.54 -18.37
N ASP A 287 -0.82 -12.22 -18.68
CA ASP A 287 -0.67 -13.41 -19.57
C ASP A 287 -1.58 -13.38 -20.83
N PHE A 290 -4.25 -13.55 -23.03
CA PHE A 290 -5.03 -12.63 -22.22
C PHE A 290 -5.63 -13.30 -20.97
N GLU A 291 -5.82 -14.64 -21.03
CA GLU A 291 -6.47 -15.48 -19.96
C GLU A 291 -5.60 -15.85 -18.75
N GLY A 292 -4.86 -14.85 -18.25
CA GLY A 292 -4.13 -14.90 -16.98
C GLY A 292 -5.10 -14.41 -15.92
N LYS A 293 -6.36 -14.23 -16.34
CA LYS A 293 -7.51 -13.83 -15.54
C LYS A 293 -7.87 -14.99 -14.61
N GLU A 294 -7.92 -16.21 -15.16
CA GLU A 294 -8.18 -17.44 -14.40
C GLU A 294 -7.14 -17.61 -13.29
N LEU A 295 -5.88 -17.26 -13.56
CA LEU A 295 -4.79 -17.32 -12.57
C LEU A 295 -5.07 -16.35 -11.42
N ARG A 296 -5.53 -15.13 -11.75
CA ARG A 296 -5.88 -14.09 -10.76
C ARG A 296 -7.00 -14.57 -9.84
N LEU A 297 -7.98 -15.29 -10.42
CA LEU A 297 -9.10 -15.92 -9.69
C LEU A 297 -8.54 -17.03 -8.79
N LYS A 298 -7.71 -17.90 -9.38
CA LYS A 298 -7.03 -19.02 -8.70
C LYS A 298 -6.22 -18.54 -7.48
N GLN A 299 -5.55 -17.40 -7.66
CA GLN A 299 -4.73 -16.70 -6.67
C GLN A 299 -5.55 -16.30 -5.46
N GLU A 300 -6.72 -15.72 -5.72
CA GLU A 300 -7.68 -15.29 -4.69
C GLU A 300 -8.23 -16.47 -3.88
N TYR A 301 -8.62 -17.56 -4.57
CA TYR A 301 -9.14 -18.74 -3.87
C TYR A 301 -8.04 -19.49 -3.12
N PHE A 302 -6.80 -19.43 -3.62
CA PHE A 302 -5.64 -20.04 -2.93
C PHE A 302 -5.48 -19.39 -1.54
N VAL A 303 -5.62 -18.07 -1.43
CA VAL A 303 -5.52 -17.42 -0.11
C VAL A 303 -6.71 -17.78 0.75
N VAL A 304 -7.91 -17.48 0.25
CA VAL A 304 -9.20 -17.73 0.90
C VAL A 304 -9.28 -19.15 1.51
N ALA A 305 -9.15 -20.20 0.66
CA ALA A 305 -9.19 -21.61 1.11
C ALA A 305 -8.13 -21.91 2.18
N ALA A 306 -6.86 -21.66 1.87
CA ALA A 306 -5.72 -21.88 2.77
C ALA A 306 -5.90 -21.21 4.14
N THR A 307 -6.25 -19.92 4.11
CA THR A 307 -6.48 -19.06 5.26
C THR A 307 -7.59 -19.61 6.17
N LEU A 308 -8.80 -19.74 5.63
CA LEU A 308 -10.01 -20.17 6.36
C LEU A 308 -9.89 -21.53 6.99
N GLN A 309 -9.26 -22.48 6.31
CA GLN A 309 -9.03 -23.83 6.84
C GLN A 309 -8.13 -23.75 8.06
N ASP A 310 -7.10 -22.90 7.98
CA ASP A 310 -6.14 -22.61 9.06
C ASP A 310 -6.81 -21.85 10.22
N ILE A 311 -7.72 -20.91 9.89
CA ILE A 311 -8.49 -20.12 10.86
C ILE A 311 -9.37 -21.05 11.72
N ILE A 312 -10.20 -21.85 11.03
CA ILE A 312 -11.13 -22.85 11.60
C ILE A 312 -10.34 -23.81 12.46
N ARG A 313 -9.25 -24.36 11.93
CA ARG A 313 -8.32 -25.27 12.61
C ARG A 313 -7.91 -24.73 13.99
N ARG A 314 -7.60 -23.43 14.06
CA ARG A 314 -7.19 -22.73 15.29
C ARG A 314 -8.36 -22.65 16.25
N PHE A 315 -9.56 -22.40 15.71
CA PHE A 315 -10.79 -22.32 16.51
C PHE A 315 -11.10 -23.66 17.19
N LYS A 316 -11.06 -24.75 16.42
CA LYS A 316 -11.33 -26.09 16.99
C LYS A 316 -10.11 -26.63 17.77
N SER A 317 -8.88 -26.24 17.43
CA SER A 317 -7.69 -26.66 18.19
C SER A 317 -7.49 -25.81 19.47
N SER A 318 -8.41 -24.88 19.77
CA SER A 318 -8.36 -24.06 20.98
C SER A 318 -8.59 -24.94 22.19
N LYS A 319 -7.90 -24.63 23.29
CA LYS A 319 -8.03 -25.33 24.57
C LYS A 319 -9.52 -25.38 25.02
N PHE A 320 -10.06 -26.60 25.13
CA PHE A 320 -11.45 -26.88 25.54
C PHE A 320 -12.49 -26.23 24.61
N THR A 328 -22.85 -26.96 16.84
CA THR A 328 -22.95 -26.82 18.29
C THR A 328 -21.65 -26.22 18.90
N CYS A 329 -20.51 -26.47 18.24
CA CYS A 329 -19.20 -25.95 18.62
C CYS A 329 -19.01 -24.50 18.10
N PHE A 330 -19.44 -24.25 16.85
CA PHE A 330 -19.26 -22.98 16.11
C PHE A 330 -20.19 -21.82 16.52
N GLU A 331 -20.76 -21.85 17.73
CA GLU A 331 -21.60 -20.75 18.23
C GLU A 331 -20.75 -19.57 18.67
N THR A 332 -19.60 -19.86 19.30
CA THR A 332 -18.65 -18.86 19.79
C THR A 332 -17.73 -18.31 18.68
N PHE A 333 -17.88 -18.83 17.45
CA PHE A 333 -17.07 -18.41 16.30
C PHE A 333 -17.09 -16.87 16.08
N PRO A 334 -18.25 -16.21 15.83
CA PRO A 334 -18.21 -14.74 15.62
C PRO A 334 -17.73 -13.90 16.81
N ASP A 335 -17.49 -14.55 17.94
CA ASP A 335 -17.01 -13.91 19.18
C ASP A 335 -15.52 -14.20 19.42
N LYS A 336 -14.97 -15.17 18.67
CA LYS A 336 -13.56 -15.56 18.77
C LYS A 336 -12.76 -15.36 17.45
N VAL A 337 -13.47 -15.04 16.35
CA VAL A 337 -12.87 -14.83 15.01
C VAL A 337 -13.40 -13.53 14.34
N ALA A 338 -12.45 -12.78 13.76
CA ALA A 338 -12.71 -11.56 12.99
C ALA A 338 -12.01 -11.71 11.63
N ILE A 339 -12.73 -11.46 10.54
CA ILE A 339 -12.13 -11.54 9.20
C ILE A 339 -12.37 -10.22 8.46
N GLN A 340 -11.29 -9.44 8.31
CA GLN A 340 -11.33 -8.19 7.54
C GLN A 340 -10.93 -8.49 6.10
N LEU A 341 -11.83 -8.18 5.16
CA LEU A 341 -11.63 -8.41 3.73
C LEU A 341 -11.18 -7.10 3.04
N ASN A 342 -9.85 -6.89 3.03
CA ASN A 342 -9.19 -5.74 2.41
C ASN A 342 -9.44 -5.81 0.89
N ASP A 343 -10.44 -5.03 0.46
CA ASP A 343 -10.95 -4.95 -0.91
C ASP A 343 -11.63 -6.25 -1.37
N THR A 344 -12.10 -6.26 -2.61
CA THR A 344 -12.83 -7.37 -3.21
C THR A 344 -12.02 -8.65 -3.49
N HIS A 345 -10.72 -8.62 -3.22
CA HIS A 345 -9.82 -9.76 -3.42
C HIS A 345 -10.22 -11.03 -2.63
N PRO A 346 -10.41 -10.96 -1.28
CA PRO A 346 -10.79 -12.19 -0.57
C PRO A 346 -12.31 -12.42 -0.45
N ALA A 347 -13.09 -11.82 -1.36
CA ALA A 347 -14.55 -11.94 -1.45
C ALA A 347 -15.04 -13.37 -1.42
N LEU A 348 -14.17 -14.33 -1.74
CA LEU A 348 -14.55 -15.73 -1.71
C LEU A 348 -14.62 -16.32 -0.29
N SER A 349 -14.02 -15.67 0.71
CA SER A 349 -14.08 -16.13 2.12
C SER A 349 -15.53 -16.39 2.57
N ILE A 350 -16.46 -15.58 2.05
CA ILE A 350 -17.88 -15.65 2.35
C ILE A 350 -18.47 -17.02 1.89
N PRO A 351 -18.60 -17.33 0.56
CA PRO A 351 -19.14 -18.65 0.20
C PRO A 351 -18.24 -19.85 0.63
N GLU A 352 -16.93 -19.63 0.81
CA GLU A 352 -16.00 -20.68 1.27
C GLU A 352 -16.27 -21.02 2.74
N LEU A 353 -16.53 -20.02 3.59
CA LEU A 353 -16.86 -20.27 5.00
C LEU A 353 -18.19 -21.03 5.08
N MET A 354 -19.17 -20.60 4.27
CA MET A 354 -20.45 -21.28 4.15
C MET A 354 -20.19 -22.74 3.82
N ARG A 355 -19.44 -22.99 2.74
CA ARG A 355 -19.02 -24.33 2.29
C ARG A 355 -18.48 -25.18 3.46
N ILE A 356 -17.34 -24.75 4.06
CA ILE A 356 -16.65 -25.45 5.17
C ILE A 356 -17.61 -25.77 6.31
N LEU A 357 -18.43 -24.79 6.74
CA LEU A 357 -19.41 -24.98 7.84
C LEU A 357 -20.57 -25.95 7.47
N VAL A 358 -21.23 -25.73 6.33
CA VAL A 358 -22.38 -26.53 5.88
C VAL A 358 -21.96 -27.94 5.40
N ASP A 359 -21.03 -28.04 4.44
CA ASP A 359 -20.62 -29.32 3.84
C ASP A 359 -19.66 -30.17 4.67
N VAL A 360 -18.71 -29.56 5.39
CA VAL A 360 -17.70 -30.31 6.16
C VAL A 360 -18.07 -30.42 7.65
N GLU A 361 -18.40 -29.29 8.28
CA GLU A 361 -18.71 -29.22 9.72
C GLU A 361 -20.13 -29.65 10.07
N LYS A 362 -20.95 -29.92 9.05
CA LYS A 362 -22.35 -30.38 9.15
C LYS A 362 -23.30 -29.35 9.83
N VAL A 363 -22.87 -28.07 9.92
CA VAL A 363 -23.63 -26.95 10.52
C VAL A 363 -24.86 -26.63 9.64
N ASP A 364 -25.92 -26.10 10.26
CA ASP A 364 -27.15 -25.69 9.57
C ASP A 364 -26.82 -24.43 8.77
N TRP A 365 -27.42 -24.33 7.56
CA TRP A 365 -27.24 -23.17 6.66
C TRP A 365 -27.49 -21.84 7.36
N ASP A 366 -28.73 -21.64 7.85
CA ASP A 366 -29.16 -20.40 8.49
C ASP A 366 -28.32 -20.03 9.70
N LYS A 367 -27.87 -21.04 10.45
CA LYS A 367 -26.98 -20.85 11.61
C LYS A 367 -25.62 -20.35 11.10
N ALA A 368 -25.03 -21.07 10.15
CA ALA A 368 -23.74 -20.74 9.52
C ALA A 368 -23.77 -19.39 8.79
N TRP A 369 -24.93 -19.01 8.24
CA TRP A 369 -25.08 -17.75 7.49
C TRP A 369 -25.10 -16.54 8.40
N GLU A 370 -25.72 -16.65 9.58
CA GLU A 370 -25.70 -15.55 10.55
C GLU A 370 -24.29 -15.44 11.16
N ILE A 371 -23.59 -16.58 11.30
CA ILE A 371 -22.17 -16.66 11.72
C ILE A 371 -21.32 -15.92 10.67
N THR A 372 -21.45 -16.32 9.39
CA THR A 372 -20.71 -15.73 8.25
C THR A 372 -20.81 -14.21 8.29
N LYS A 373 -22.03 -13.67 8.22
CA LYS A 373 -22.32 -12.22 8.32
C LYS A 373 -21.58 -11.55 9.49
N LYS A 374 -21.64 -12.18 10.68
CA LYS A 374 -21.04 -11.68 11.94
C LYS A 374 -19.51 -11.78 12.00
N THR A 375 -18.92 -12.77 11.33
CA THR A 375 -17.45 -12.96 11.33
C THR A 375 -16.76 -12.29 10.11
N CYS A 376 -17.50 -11.52 9.31
CA CYS A 376 -16.98 -10.87 8.12
C CYS A 376 -17.24 -9.38 8.09
N ALA A 377 -16.19 -8.65 7.72
CA ALA A 377 -16.19 -7.20 7.56
C ALA A 377 -15.47 -6.87 6.24
N TYR A 378 -15.99 -5.88 5.51
CA TYR A 378 -15.47 -5.48 4.19
C TYR A 378 -14.94 -4.03 4.24
N THR A 379 -14.03 -3.73 3.29
CA THR A 379 -13.43 -2.41 3.08
C THR A 379 -13.40 -2.17 1.57
N ASN A 380 -13.84 -0.99 1.14
CA ASN A 380 -13.86 -0.62 -0.27
C ASN A 380 -12.98 0.62 -0.47
N HIS A 381 -12.00 0.50 -1.38
CA HIS A 381 -11.02 1.56 -1.72
C HIS A 381 -11.33 2.14 -3.09
N THR A 382 -11.72 1.26 -4.02
CA THR A 382 -12.01 1.62 -5.40
C THR A 382 -13.35 2.36 -5.49
N VAL A 383 -13.26 3.68 -5.58
CA VAL A 383 -14.40 4.58 -5.73
C VAL A 383 -15.06 4.34 -7.13
N LEU A 384 -16.34 4.71 -7.27
CA LEU A 384 -17.22 4.56 -8.47
C LEU A 384 -17.48 3.09 -8.89
N PRO A 385 -18.76 2.71 -9.13
CA PRO A 385 -19.06 1.28 -9.39
C PRO A 385 -18.68 0.74 -10.78
N GLU A 386 -17.37 0.68 -11.06
CA GLU A 386 -16.81 0.10 -12.29
C GLU A 386 -15.49 -0.64 -12.02
N ALA A 387 -14.58 -0.03 -11.22
CA ALA A 387 -13.30 -0.62 -10.75
C ALA A 387 -13.54 -1.78 -9.73
N LEU A 388 -14.82 -1.98 -9.39
CA LEU A 388 -15.37 -3.04 -8.55
C LEU A 388 -15.28 -4.37 -9.29
N GLU A 389 -14.59 -5.32 -8.64
CA GLU A 389 -14.27 -6.66 -9.17
C GLU A 389 -15.49 -7.56 -9.50
N ARG A 390 -15.52 -8.05 -10.73
CA ARG A 390 -16.56 -8.97 -11.22
C ARG A 390 -15.89 -10.17 -11.89
N TRP A 391 -16.63 -11.28 -12.03
CA TRP A 391 -16.12 -12.51 -12.67
C TRP A 391 -17.23 -13.21 -13.43
N PRO A 392 -16.95 -13.75 -14.65
CA PRO A 392 -18.01 -14.45 -15.40
C PRO A 392 -18.49 -15.73 -14.69
N VAL A 393 -19.78 -16.08 -14.84
CA VAL A 393 -20.33 -17.27 -14.17
C VAL A 393 -19.72 -18.56 -14.76
N SER A 394 -19.45 -18.57 -16.07
CA SER A 394 -18.87 -19.71 -16.80
C SER A 394 -17.50 -20.12 -16.24
N MET A 395 -16.70 -19.10 -15.91
CA MET A 395 -15.37 -19.26 -15.32
C MET A 395 -15.44 -19.81 -13.88
N PHE A 396 -16.55 -19.51 -13.18
CA PHE A 396 -16.84 -20.00 -11.82
C PHE A 396 -17.46 -21.40 -11.88
N GLU A 397 -18.29 -21.63 -12.90
CA GLU A 397 -18.97 -22.90 -13.21
C GLU A 397 -17.95 -24.02 -13.42
N LYS A 398 -16.83 -23.65 -14.07
CA LYS A 398 -15.76 -24.58 -14.38
C LYS A 398 -14.76 -24.73 -13.21
N LEU A 399 -14.31 -23.61 -12.62
CA LEU A 399 -13.30 -23.63 -11.53
C LEU A 399 -13.87 -23.95 -10.14
N LEU A 400 -14.88 -23.23 -9.68
CA LEU A 400 -15.46 -23.46 -8.34
C LEU A 400 -16.98 -23.79 -8.43
N PRO A 401 -17.36 -24.97 -8.99
CA PRO A 401 -18.80 -25.27 -9.16
C PRO A 401 -19.64 -25.21 -7.88
N ARG A 402 -19.07 -25.64 -6.73
CA ARG A 402 -19.75 -25.58 -5.43
C ARG A 402 -19.98 -24.14 -4.96
N HIS A 403 -18.95 -23.29 -5.06
CA HIS A 403 -19.02 -21.88 -4.63
C HIS A 403 -20.07 -21.09 -5.41
N LEU A 404 -20.30 -21.48 -6.68
CA LEU A 404 -21.30 -20.86 -7.53
C LEU A 404 -22.72 -21.17 -6.99
N GLU A 405 -22.98 -22.44 -6.63
CA GLU A 405 -24.26 -22.87 -6.06
C GLU A 405 -24.56 -22.05 -4.79
N ILE A 406 -23.56 -21.97 -3.90
CA ILE A 406 -23.66 -21.23 -2.64
C ILE A 406 -23.97 -19.73 -2.91
N ILE A 407 -23.22 -19.10 -3.82
CA ILE A 407 -23.42 -17.70 -4.21
C ILE A 407 -24.83 -17.51 -4.78
N TYR A 408 -25.27 -18.46 -5.62
CA TYR A 408 -26.61 -18.44 -6.21
C TYR A 408 -27.66 -18.48 -5.08
N ALA A 409 -27.46 -19.38 -4.10
CA ALA A 409 -28.35 -19.54 -2.92
C ALA A 409 -28.41 -18.28 -2.06
N ILE A 410 -27.25 -17.67 -1.78
CA ILE A 410 -27.13 -16.42 -1.03
C ILE A 410 -27.89 -15.32 -1.80
N ASN A 411 -27.63 -15.20 -3.11
CA ASN A 411 -28.30 -14.21 -3.99
C ASN A 411 -29.73 -14.65 -4.39
N GLN A 412 -30.49 -15.07 -3.38
CA GLN A 412 -31.87 -15.47 -3.52
C GLN A 412 -32.52 -15.18 -2.19
N ARG A 413 -32.02 -15.82 -1.12
CA ARG A 413 -32.47 -15.60 0.25
C ARG A 413 -32.38 -14.11 0.59
N HIS A 414 -31.48 -13.42 -0.13
CA HIS A 414 -31.27 -11.98 -0.06
C HIS A 414 -32.32 -11.23 -0.89
N LEU A 415 -32.48 -11.61 -2.17
CA LEU A 415 -33.43 -10.97 -3.11
C LEU A 415 -34.90 -11.12 -2.68
N ASP A 416 -35.21 -12.25 -2.02
CA ASP A 416 -36.52 -12.57 -1.47
C ASP A 416 -36.80 -11.68 -0.25
N HIS A 417 -35.76 -11.36 0.52
CA HIS A 417 -35.87 -10.43 1.64
C HIS A 417 -36.09 -9.01 1.10
N VAL A 418 -35.50 -8.71 -0.06
CA VAL A 418 -35.64 -7.42 -0.75
C VAL A 418 -37.07 -7.33 -1.33
N ALA A 419 -37.57 -8.42 -1.92
CA ALA A 419 -38.94 -8.52 -2.44
C ALA A 419 -40.01 -8.41 -1.33
N ALA A 420 -39.59 -8.64 -0.08
CA ALA A 420 -40.45 -8.50 1.10
C ALA A 420 -40.58 -7.03 1.48
N LEU A 421 -39.45 -6.33 1.62
CA LEU A 421 -39.42 -4.90 1.97
C LEU A 421 -39.91 -3.99 0.83
N PHE A 422 -39.52 -4.29 -0.42
CA PHE A 422 -39.89 -3.50 -1.61
C PHE A 422 -40.60 -4.37 -2.65
N PRO A 423 -41.91 -4.67 -2.44
CA PRO A 423 -42.63 -5.54 -3.37
C PRO A 423 -42.87 -4.92 -4.74
N GLY A 424 -42.86 -5.75 -5.77
CA GLY A 424 -43.08 -5.32 -7.16
C GLY A 424 -41.94 -4.51 -7.80
N ASP A 425 -40.97 -4.06 -6.99
CA ASP A 425 -39.84 -3.24 -7.45
C ASP A 425 -38.83 -4.14 -8.18
N VAL A 426 -39.08 -4.34 -9.48
CA VAL A 426 -38.27 -5.21 -10.35
C VAL A 426 -36.86 -4.66 -10.56
N ASP A 427 -36.75 -3.33 -10.77
CA ASP A 427 -35.47 -2.66 -11.02
C ASP A 427 -34.57 -2.54 -9.78
N ARG A 428 -35.12 -2.70 -8.59
CA ARG A 428 -34.32 -2.71 -7.38
C ARG A 428 -33.61 -4.06 -7.30
N LEU A 429 -34.35 -5.14 -7.60
CA LEU A 429 -33.86 -6.52 -7.56
C LEU A 429 -32.59 -6.68 -8.41
N ARG A 430 -32.61 -6.17 -9.65
CA ARG A 430 -31.45 -6.22 -10.55
C ARG A 430 -30.28 -5.35 -10.04
N ARG A 431 -30.62 -4.17 -9.50
CA ARG A 431 -29.67 -3.21 -8.94
C ARG A 431 -28.92 -3.77 -7.72
N MET A 432 -29.56 -4.71 -7.00
CA MET A 432 -29.02 -5.32 -5.77
C MET A 432 -28.55 -6.77 -5.92
N SER A 433 -28.76 -7.39 -7.08
CA SER A 433 -28.35 -8.78 -7.29
C SER A 433 -26.83 -8.96 -7.34
N VAL A 434 -26.34 -10.09 -6.82
CA VAL A 434 -24.92 -10.44 -6.85
C VAL A 434 -24.60 -10.80 -8.31
N ILE A 435 -25.53 -11.45 -8.99
CA ILE A 435 -25.35 -11.81 -10.38
C ILE A 435 -25.86 -10.66 -11.29
N GLU A 436 -24.93 -10.18 -12.13
CA GLU A 436 -25.12 -9.12 -13.14
C GLU A 436 -25.41 -9.73 -14.52
N GLU A 437 -26.01 -8.93 -15.40
CA GLU A 437 -26.28 -9.37 -16.78
C GLU A 437 -25.23 -8.79 -17.75
N GLY A 438 -25.59 -8.63 -19.03
CA GLY A 438 -24.68 -8.08 -20.06
C GLY A 438 -24.29 -9.12 -21.11
N ASP A 439 -23.13 -8.91 -21.75
CA ASP A 439 -22.58 -9.79 -22.81
C ASP A 439 -22.43 -11.26 -22.35
N CYS A 440 -22.47 -11.48 -21.02
CA CYS A 440 -22.50 -12.79 -20.32
C CYS A 440 -22.71 -12.55 -18.81
N LYS A 441 -23.45 -13.44 -18.15
CA LYS A 441 -23.71 -13.37 -16.69
C LYS A 441 -22.40 -13.30 -15.93
N ARG A 442 -22.34 -12.43 -14.92
CA ARG A 442 -21.12 -12.23 -14.13
C ARG A 442 -21.43 -11.93 -12.66
N ILE A 443 -20.66 -12.56 -11.77
CA ILE A 443 -20.81 -12.43 -10.31
C ILE A 443 -20.07 -11.16 -9.82
N ASN A 444 -20.85 -10.18 -9.30
CA ASN A 444 -20.36 -8.93 -8.73
C ASN A 444 -19.91 -9.23 -7.31
N MET A 445 -18.59 -9.32 -7.14
CA MET A 445 -17.97 -9.70 -5.86
C MET A 445 -18.16 -8.66 -4.77
N ALA A 446 -18.27 -7.39 -5.16
CA ALA A 446 -18.50 -6.29 -4.24
C ALA A 446 -19.88 -6.37 -3.56
N HIS A 447 -20.89 -6.84 -4.29
CA HIS A 447 -22.25 -7.06 -3.75
C HIS A 447 -22.22 -8.19 -2.72
N LEU A 448 -21.57 -9.29 -3.08
CA LEU A 448 -21.33 -10.45 -2.23
C LEU A 448 -20.57 -10.08 -0.93
N CYS A 449 -19.71 -9.07 -1.01
CA CYS A 449 -18.95 -8.58 0.14
C CYS A 449 -19.82 -7.88 1.17
N VAL A 450 -20.80 -7.10 0.70
CA VAL A 450 -21.76 -6.39 1.57
C VAL A 450 -22.79 -7.38 2.15
N ILE A 451 -23.44 -8.18 1.29
CA ILE A 451 -24.43 -9.19 1.67
C ILE A 451 -23.83 -10.18 2.73
N GLY A 452 -22.53 -10.44 2.61
CA GLY A 452 -21.82 -11.36 3.48
C GLY A 452 -21.12 -10.75 4.68
N SER A 453 -21.06 -9.41 4.76
CA SER A 453 -20.39 -8.75 5.89
C SER A 453 -21.35 -8.01 6.85
N HIS A 454 -20.98 -7.93 8.14
CA HIS A 454 -21.75 -7.23 9.19
C HIS A 454 -21.49 -5.71 9.22
N ALA A 455 -20.34 -5.32 8.66
CA ALA A 455 -19.89 -3.93 8.61
C ALA A 455 -19.05 -3.69 7.34
N VAL A 456 -19.43 -2.68 6.55
CA VAL A 456 -18.74 -2.29 5.33
C VAL A 456 -18.21 -0.86 5.55
N ASN A 457 -16.89 -0.66 5.37
CA ASN A 457 -16.28 0.66 5.62
C ASN A 457 -15.62 1.31 4.40
N GLY A 458 -15.39 2.61 4.53
CA GLY A 458 -14.72 3.46 3.54
C GLY A 458 -13.43 4.02 4.13
N VAL A 459 -12.51 4.38 3.24
CA VAL A 459 -11.14 4.84 3.57
C VAL A 459 -11.01 6.32 4.01
N ALA A 460 -11.87 7.20 3.48
CA ALA A 460 -11.91 8.62 3.80
C ALA A 460 -13.36 9.01 3.95
N ARG A 461 -13.69 9.82 4.97
CA ARG A 461 -15.06 10.29 5.28
C ARG A 461 -15.89 10.65 4.03
N ILE A 462 -15.32 11.52 3.19
CA ILE A 462 -15.92 11.99 1.95
C ILE A 462 -16.20 10.80 1.02
N HIS A 463 -15.20 9.91 0.84
CA HIS A 463 -15.26 8.69 0.02
C HIS A 463 -16.34 7.74 0.54
N SER A 464 -16.29 7.51 1.86
CA SER A 464 -17.20 6.65 2.61
C SER A 464 -18.66 7.04 2.41
N GLU A 465 -18.92 8.34 2.26
CA GLU A 465 -20.27 8.84 2.00
C GLU A 465 -20.73 8.45 0.60
N ILE A 466 -19.82 8.47 -0.38
CA ILE A 466 -20.08 8.11 -1.79
C ILE A 466 -20.40 6.59 -1.89
N VAL A 467 -19.71 5.80 -1.07
CA VAL A 467 -19.90 4.35 -0.95
C VAL A 467 -21.36 4.05 -0.56
N LYS A 468 -21.85 4.78 0.48
CA LYS A 468 -23.22 4.72 1.03
C LYS A 468 -24.24 5.23 0.01
N GLN A 469 -24.20 6.55 -0.22
CA GLN A 469 -25.13 7.32 -1.06
C GLN A 469 -25.22 6.85 -2.51
N SER A 470 -24.11 6.45 -3.14
CA SER A 470 -24.17 6.10 -4.56
C SER A 470 -23.70 4.70 -4.95
N VAL A 471 -22.51 4.27 -4.49
CA VAL A 471 -21.91 2.97 -4.89
C VAL A 471 -22.84 1.80 -4.50
N PHE A 472 -23.30 1.78 -3.24
CA PHE A 472 -24.23 0.77 -2.72
C PHE A 472 -25.50 1.46 -2.13
N LYS A 473 -26.11 2.36 -2.92
CA LYS A 473 -27.28 3.18 -2.54
C LYS A 473 -28.42 2.35 -1.94
N ASP A 474 -28.77 1.25 -2.62
CA ASP A 474 -29.88 0.39 -2.20
C ASP A 474 -29.51 -0.48 -0.99
N PHE A 475 -28.24 -0.87 -0.90
CA PHE A 475 -27.74 -1.67 0.22
C PHE A 475 -27.67 -0.81 1.46
N TYR A 476 -27.40 0.49 1.26
CA TYR A 476 -27.31 1.50 2.32
C TYR A 476 -28.65 1.79 2.94
N GLU A 477 -29.70 2.01 2.13
CA GLU A 477 -31.03 2.31 2.68
C GLU A 477 -31.53 1.13 3.55
N LEU A 478 -31.43 -0.10 3.04
CA LEU A 478 -31.82 -1.30 3.76
C LEU A 478 -31.09 -1.47 5.10
N GLU A 479 -29.78 -1.18 5.11
CA GLU A 479 -28.97 -1.33 6.33
C GLU A 479 -27.96 -0.19 6.45
N PRO A 480 -28.37 1.00 6.95
CA PRO A 480 -27.40 2.11 7.05
C PRO A 480 -26.37 1.92 8.19
N GLU A 481 -26.75 1.16 9.23
CA GLU A 481 -25.90 0.84 10.37
C GLU A 481 -24.67 -0.04 10.01
N LYS A 482 -24.77 -0.76 8.88
CA LYS A 482 -23.72 -1.62 8.29
C LYS A 482 -22.55 -0.75 7.80
N PHE A 483 -22.89 0.31 7.04
CA PHE A 483 -21.94 1.26 6.43
C PHE A 483 -21.23 2.13 7.47
N GLN A 484 -19.91 2.20 7.35
CA GLN A 484 -19.04 2.95 8.28
C GLN A 484 -17.94 3.71 7.51
N ASN A 485 -17.01 4.33 8.27
CA ASN A 485 -15.81 5.02 7.75
C ASN A 485 -14.65 4.85 8.72
N LYS A 486 -13.47 4.55 8.18
CA LYS A 486 -12.24 4.45 8.95
C LYS A 486 -11.18 5.19 8.13
N THR A 487 -10.87 6.43 8.52
CA THR A 487 -9.87 7.24 7.82
C THR A 487 -8.50 6.57 8.02
N ASN A 488 -7.79 6.37 6.90
CA ASN A 488 -6.50 5.67 6.83
C ASN A 488 -5.38 6.36 7.65
N GLY A 489 -4.37 5.58 8.01
CA GLY A 489 -3.24 6.06 8.80
C GLY A 489 -1.92 5.48 8.36
N ILE A 490 -0.84 6.02 8.92
CA ILE A 490 0.55 5.60 8.64
C ILE A 490 1.25 5.30 9.96
N THR A 491 2.07 4.25 10.01
CA THR A 491 2.72 3.88 11.25
C THR A 491 3.79 4.92 11.60
N PRO A 492 3.69 5.53 12.80
CA PRO A 492 4.65 6.57 13.20
C PRO A 492 6.09 6.06 13.39
N ARG A 493 6.28 4.75 13.57
CA ARG A 493 7.63 4.19 13.72
C ARG A 493 8.36 4.18 12.36
N ARG A 494 7.79 3.53 11.33
CA ARG A 494 8.42 3.49 10.01
C ARG A 494 8.38 4.82 9.32
N TRP A 495 7.22 5.49 9.32
CA TRP A 495 7.09 6.75 8.62
C TRP A 495 7.47 8.00 9.45
N LEU A 496 8.32 7.82 10.48
CA LEU A 496 8.90 8.92 11.28
C LEU A 496 10.13 8.51 12.10
N LEU A 497 9.99 7.56 13.04
CA LEU A 497 11.11 7.17 13.92
C LEU A 497 12.28 6.52 13.15
N LEU A 498 11.97 5.75 12.10
CA LEU A 498 12.95 5.06 11.25
C LEU A 498 13.64 5.98 10.25
N CYS A 499 12.83 6.54 9.35
CA CYS A 499 13.25 7.35 8.22
C CYS A 499 13.78 8.72 8.63
N ASN A 500 13.14 9.39 9.60
CA ASN A 500 13.57 10.71 10.05
C ASN A 500 13.77 10.73 11.58
N PRO A 501 14.87 10.13 12.09
CA PRO A 501 15.11 10.18 13.55
C PRO A 501 15.52 11.58 14.03
N GLY A 502 15.96 12.41 13.09
CA GLY A 502 16.34 13.80 13.35
C GLY A 502 15.17 14.58 13.92
N LEU A 503 14.08 14.65 13.14
CA LEU A 503 12.83 15.33 13.50
C LEU A 503 12.18 14.70 14.74
N ALA A 504 12.33 13.37 14.90
CA ALA A 504 11.80 12.63 16.04
C ALA A 504 12.39 13.13 17.35
N ASP A 505 13.74 13.19 17.42
CA ASP A 505 14.46 13.67 18.61
C ASP A 505 14.26 15.17 18.91
N THR A 506 13.86 15.94 17.90
CA THR A 506 13.52 17.36 18.04
C THR A 506 12.19 17.46 18.80
N ILE A 507 11.39 16.40 18.75
CA ILE A 507 10.11 16.31 19.45
C ILE A 507 10.28 15.57 20.80
N VAL A 508 11.15 14.54 20.84
CA VAL A 508 11.44 13.71 22.03
C VAL A 508 11.86 14.53 23.28
N GLU A 509 12.91 15.37 23.18
CA GLU A 509 13.38 16.15 24.34
C GLU A 509 12.45 17.34 24.68
N LYS A 510 11.64 17.81 23.73
CA LYS A 510 10.71 18.92 23.95
C LYS A 510 9.28 18.49 24.32
N ILE A 511 8.96 17.19 24.22
CA ILE A 511 7.62 16.65 24.58
C ILE A 511 7.76 15.43 25.50
N GLY A 512 8.56 14.46 25.08
CA GLY A 512 8.73 13.18 25.75
C GLY A 512 8.23 12.11 24.80
N GLU A 513 8.98 11.00 24.72
CA GLU A 513 8.73 9.84 23.82
C GLU A 513 7.25 9.44 23.59
N GLU A 514 6.41 9.63 24.63
CA GLU A 514 4.96 9.33 24.64
C GLU A 514 4.20 9.56 23.32
N PHE A 515 4.59 10.59 22.56
CA PHE A 515 3.99 10.92 21.26
C PHE A 515 4.10 9.79 20.21
N LEU A 516 5.05 8.87 20.40
CA LEU A 516 5.25 7.74 19.48
C LEU A 516 4.14 6.69 19.64
N THR A 517 3.65 6.52 20.87
CA THR A 517 2.52 5.64 21.21
C THR A 517 1.21 6.31 20.72
N ASP A 518 1.02 7.60 21.09
CA ASP A 518 -0.14 8.45 20.74
C ASP A 518 0.32 9.68 19.95
N LEU A 519 0.03 9.69 18.65
CA LEU A 519 0.45 10.77 17.74
C LEU A 519 -0.30 12.11 17.90
N SER A 520 -1.51 12.09 18.48
CA SER A 520 -2.29 13.33 18.71
C SER A 520 -1.58 14.32 19.65
N GLN A 521 -0.60 13.84 20.42
CA GLN A 521 0.26 14.66 21.29
C GLN A 521 1.20 15.61 20.52
N LEU A 522 0.99 15.73 19.20
CA LEU A 522 1.72 16.65 18.30
C LEU A 522 1.15 18.07 18.38
N LYS A 523 -0.10 18.20 18.88
CA LYS A 523 -0.74 19.51 19.10
C LYS A 523 -0.09 20.19 20.32
N LYS A 524 0.64 19.42 21.14
CA LYS A 524 1.39 19.92 22.28
C LYS A 524 2.56 20.82 21.86
N LEU A 525 3.05 20.67 20.61
CA LEU A 525 4.12 21.53 20.06
C LEU A 525 3.55 22.69 19.20
N LEU A 526 2.22 22.82 19.15
CA LEU A 526 1.54 23.92 18.45
C LEU A 526 1.92 25.33 19.03
N PRO A 527 2.02 25.52 20.40
CA PRO A 527 2.46 26.84 20.90
C PRO A 527 3.93 27.19 20.59
N LEU A 528 4.70 26.22 20.09
CA LEU A 528 6.12 26.40 19.70
C LEU A 528 6.29 26.94 18.26
N VAL A 529 5.19 27.43 17.66
CA VAL A 529 5.14 28.09 16.34
C VAL A 529 5.90 29.44 16.41
N SER A 530 6.04 29.97 17.63
CA SER A 530 6.74 31.23 17.91
C SER A 530 8.08 31.06 18.64
N ASP A 531 8.40 29.83 19.10
CA ASP A 531 9.69 29.55 19.77
C ASP A 531 10.82 29.74 18.77
N GLU A 532 11.70 30.69 19.05
CA GLU A 532 12.81 31.03 18.15
C GLU A 532 13.90 29.96 18.10
N VAL A 533 14.30 29.37 19.23
CA VAL A 533 15.35 28.32 19.22
C VAL A 533 14.86 27.03 18.54
N PHE A 534 13.56 26.70 18.70
CA PHE A 534 12.95 25.50 18.12
C PHE A 534 12.72 25.58 16.60
N ILE A 535 12.31 26.74 16.07
CA ILE A 535 12.04 26.91 14.62
C ILE A 535 13.29 26.64 13.74
N ARG A 536 14.46 27.15 14.14
CA ARG A 536 15.72 26.91 13.41
C ARG A 536 16.19 25.45 13.55
N ASP A 537 15.84 24.79 14.66
CA ASP A 537 16.17 23.38 14.92
C ASP A 537 15.34 22.42 14.05
N VAL A 538 14.17 22.90 13.57
CA VAL A 538 13.30 22.16 12.67
C VAL A 538 13.94 22.14 11.27
N ALA A 539 14.37 23.30 10.79
CA ALA A 539 15.03 23.45 9.51
C ALA A 539 16.44 22.86 9.49
N LYS A 540 17.07 22.78 10.68
CA LYS A 540 18.40 22.17 10.86
C LYS A 540 18.35 20.70 10.45
N VAL A 541 17.29 20.01 10.92
CA VAL A 541 17.01 18.60 10.63
C VAL A 541 16.78 18.41 9.11
N LYS A 542 15.82 19.16 8.54
CA LYS A 542 15.47 19.13 7.10
C LYS A 542 16.70 19.29 6.20
N GLN A 543 17.59 20.23 6.54
CA GLN A 543 18.82 20.47 5.78
C GLN A 543 19.85 19.35 6.00
N GLU A 544 19.93 18.79 7.22
CA GLU A 544 20.81 17.66 7.51
C GLU A 544 20.36 16.39 6.79
N ASN A 545 19.08 16.35 6.41
CA ASN A 545 18.48 15.26 5.65
C ASN A 545 18.64 15.50 4.14
N LYS A 546 18.45 16.75 3.72
CA LYS A 546 18.59 17.16 2.31
C LYS A 546 19.99 16.87 1.75
N LEU A 547 21.04 17.15 2.53
CA LEU A 547 22.44 16.88 2.12
C LEU A 547 22.69 15.37 1.89
N LYS A 548 22.21 14.52 2.81
CA LYS A 548 22.34 13.06 2.76
C LYS A 548 21.67 12.51 1.48
N PHE A 549 20.47 13.00 1.18
CA PHE A 549 19.74 12.61 -0.03
C PHE A 549 20.33 13.24 -1.31
N SER A 550 20.98 14.41 -1.17
CA SER A 550 21.65 15.10 -2.29
C SER A 550 22.88 14.30 -2.74
N ALA A 551 23.61 13.73 -1.78
CA ALA A 551 24.78 12.89 -2.01
C ALA A 551 24.35 11.62 -2.74
N PHE A 552 23.21 11.06 -2.33
CA PHE A 552 22.58 9.87 -2.94
C PHE A 552 22.21 10.17 -4.37
N LEU A 553 21.60 11.33 -4.58
CA LEU A 553 21.17 11.79 -5.90
C LEU A 553 22.36 12.03 -6.86
N GLU A 554 23.44 12.64 -6.35
CA GLU A 554 24.67 12.92 -7.12
C GLU A 554 25.42 11.65 -7.50
N LYS A 555 25.54 10.70 -6.56
CA LYS A 555 26.23 9.40 -6.73
C LYS A 555 25.48 8.47 -7.70
N GLU A 556 24.16 8.39 -7.56
CA GLU A 556 23.33 7.48 -8.36
C GLU A 556 22.97 8.01 -9.74
N TYR A 557 22.45 9.25 -9.82
CA TYR A 557 21.96 9.81 -11.08
C TYR A 557 22.97 10.64 -11.87
N LYS A 558 24.09 11.06 -11.24
CA LYS A 558 25.18 11.85 -11.87
C LYS A 558 24.67 13.21 -12.39
N VAL A 559 24.14 14.03 -11.46
CA VAL A 559 23.70 15.43 -11.73
C VAL A 559 24.09 16.34 -10.55
N LYS A 560 24.53 17.56 -10.87
CA LYS A 560 24.94 18.56 -9.88
C LYS A 560 23.69 19.02 -9.11
N ILE A 561 23.60 18.61 -7.84
CA ILE A 561 22.45 18.92 -6.99
C ILE A 561 22.73 20.19 -6.19
N ASN A 562 21.76 21.12 -6.23
CA ASN A 562 21.79 22.37 -5.46
C ASN A 562 21.05 22.11 -4.14
N PRO A 563 21.75 22.07 -2.98
CA PRO A 563 21.05 21.80 -1.70
C PRO A 563 20.27 23.01 -1.15
N SER A 564 20.63 24.20 -1.64
CA SER A 564 19.97 25.46 -1.28
C SER A 564 18.62 25.63 -2.02
N SER A 565 18.29 24.68 -2.90
CA SER A 565 17.08 24.69 -3.72
C SER A 565 15.90 23.94 -3.07
N MET A 566 14.69 24.19 -3.60
CA MET A 566 13.41 23.58 -3.17
C MET A 566 13.38 22.10 -3.58
N PHE A 567 13.03 21.21 -2.66
CA PHE A 567 12.96 19.78 -2.98
C PHE A 567 11.53 19.34 -3.31
N ASP A 568 11.07 19.75 -4.51
CA ASP A 568 9.73 19.46 -5.06
C ASP A 568 9.66 17.96 -5.37
N VAL A 569 8.64 17.28 -4.86
CA VAL A 569 8.46 15.83 -5.01
C VAL A 569 7.01 15.49 -5.46
N HIS A 570 6.89 14.51 -6.38
CA HIS A 570 5.60 13.97 -6.88
C HIS A 570 5.80 12.46 -7.17
N VAL A 571 5.82 11.69 -6.07
CA VAL A 571 6.02 10.23 -6.08
C VAL A 571 4.70 9.47 -5.89
N LYS A 572 4.27 8.79 -6.96
CA LYS A 572 3.05 7.93 -6.99
C LYS A 572 2.93 7.15 -8.32
N ARG A 573 1.95 6.24 -8.39
CA ARG A 573 1.62 5.41 -9.57
C ARG A 573 1.59 6.29 -10.83
N ILE A 574 2.33 5.91 -11.88
CA ILE A 574 2.35 6.71 -13.11
C ILE A 574 1.07 6.44 -13.88
N HIS A 575 0.09 7.30 -13.64
CA HIS A 575 -1.24 7.19 -14.23
C HIS A 575 -1.76 8.59 -14.59
N GLU A 576 -2.59 8.64 -15.64
CA GLU A 576 -3.23 9.86 -16.14
C GLU A 576 -3.99 10.64 -15.07
N TYR A 577 -4.80 9.95 -14.25
CA TYR A 577 -5.58 10.59 -13.17
C TYR A 577 -4.67 11.21 -12.08
N LYS A 578 -3.45 10.70 -11.94
CA LYS A 578 -2.48 11.20 -10.95
C LYS A 578 -1.87 12.54 -11.40
N ARG A 579 -2.06 12.87 -12.70
CA ARG A 579 -1.62 14.09 -13.40
C ARG A 579 -0.11 14.39 -13.22
N GLN A 580 0.74 13.46 -13.66
CA GLN A 580 2.20 13.64 -13.61
C GLN A 580 2.55 14.73 -14.63
N LEU A 581 1.87 14.70 -15.79
CA LEU A 581 1.99 15.66 -16.89
C LEU A 581 1.79 17.12 -16.43
N LEU A 582 0.92 17.35 -15.44
CA LEU A 582 0.65 18.69 -14.92
C LEU A 582 1.91 19.30 -14.34
N ASN A 583 2.68 18.52 -13.57
CA ASN A 583 3.99 18.91 -12.99
C ASN A 583 5.01 19.12 -14.12
N CYS A 584 4.94 18.31 -15.18
CA CYS A 584 5.82 18.44 -16.35
C CYS A 584 5.68 19.84 -16.89
N LEU A 585 4.47 20.17 -17.42
CA LEU A 585 4.07 21.49 -17.94
C LEU A 585 4.59 22.65 -17.07
N HIS A 586 4.61 22.44 -15.74
CA HIS A 586 5.09 23.44 -14.79
C HIS A 586 6.58 23.70 -14.97
N VAL A 587 7.38 22.63 -15.04
CA VAL A 587 8.84 22.72 -15.21
C VAL A 587 9.22 23.22 -16.61
N VAL A 588 8.38 22.96 -17.63
CA VAL A 588 8.60 23.41 -19.01
C VAL A 588 8.55 24.96 -19.05
N THR A 589 7.48 25.56 -18.48
CA THR A 589 7.30 27.02 -18.37
C THR A 589 8.43 27.62 -17.51
N LEU A 590 8.76 26.94 -16.39
CA LEU A 590 9.84 27.31 -15.48
C LEU A 590 11.20 27.39 -16.19
N TYR A 591 11.46 26.43 -17.09
CA TYR A 591 12.67 26.39 -17.92
C TYR A 591 12.67 27.58 -18.88
N ASN A 592 11.53 27.80 -19.57
CA ASN A 592 11.35 28.91 -20.51
C ASN A 592 11.47 30.29 -19.86
N ARG A 593 11.12 30.38 -18.58
CA ARG A 593 11.20 31.63 -17.81
C ARG A 593 12.64 32.04 -17.50
N ILE A 594 13.52 31.06 -17.26
CA ILE A 594 14.95 31.31 -17.05
C ILE A 594 15.62 31.60 -18.40
N LYS A 595 15.09 31.03 -19.51
CA LYS A 595 15.60 31.30 -20.86
C LYS A 595 15.18 32.71 -21.35
N ARG A 596 14.01 33.19 -20.92
CA ARG A 596 13.50 34.53 -21.24
C ARG A 596 14.26 35.60 -20.46
N ASP A 597 14.32 35.45 -19.14
CA ASP A 597 15.03 36.39 -18.24
C ASP A 597 16.15 35.64 -17.49
N PRO A 598 17.31 35.38 -18.16
CA PRO A 598 18.39 34.65 -17.49
C PRO A 598 19.03 35.38 -16.31
N ALA A 599 18.92 36.71 -16.27
CA ALA A 599 19.44 37.55 -15.19
C ALA A 599 18.62 37.49 -13.91
N LYS A 600 17.29 37.36 -14.05
CA LYS A 600 16.31 37.33 -12.94
C LYS A 600 16.67 36.30 -11.87
N ALA A 601 16.76 36.75 -10.62
CA ALA A 601 17.08 35.89 -9.48
C ALA A 601 15.84 35.05 -9.14
N PHE A 602 15.79 33.84 -9.72
CA PHE A 602 14.65 32.93 -9.57
C PHE A 602 14.90 31.89 -8.46
N VAL A 603 13.80 31.47 -7.80
CA VAL A 603 13.78 30.49 -6.71
C VAL A 603 14.30 29.11 -7.19
N PRO A 604 15.46 28.64 -6.64
CA PRO A 604 16.00 27.36 -7.11
C PRO A 604 15.16 26.16 -6.68
N ARG A 605 15.14 25.13 -7.53
CA ARG A 605 14.36 23.90 -7.31
C ARG A 605 15.17 22.63 -7.67
N THR A 606 14.58 21.46 -7.36
CA THR A 606 15.05 20.11 -7.70
C THR A 606 13.75 19.30 -7.82
N VAL A 607 13.11 19.41 -8.98
CA VAL A 607 11.84 18.71 -9.28
C VAL A 607 12.11 17.20 -9.40
N MET A 608 11.45 16.42 -8.51
CA MET A 608 11.59 14.96 -8.44
C MET A 608 10.25 14.29 -8.71
N ILE A 609 10.20 13.50 -9.78
CA ILE A 609 9.00 12.72 -10.11
C ILE A 609 9.38 11.24 -10.06
N GLY A 610 8.77 10.54 -9.11
CA GLY A 610 8.97 9.10 -8.94
C GLY A 610 7.68 8.31 -9.17
N GLY A 611 7.85 7.01 -9.32
CA GLY A 611 6.73 6.09 -9.52
C GLY A 611 6.99 5.08 -10.61
N LYS A 612 6.01 4.18 -10.82
CA LYS A 612 6.10 3.12 -11.83
C LYS A 612 4.87 3.05 -12.71
N ALA A 613 5.08 2.78 -13.99
CA ALA A 613 4.00 2.60 -14.95
C ALA A 613 3.62 1.12 -15.04
N ALA A 614 2.32 0.86 -15.25
CA ALA A 614 1.79 -0.49 -15.48
C ALA A 614 2.38 -0.98 -16.80
N PRO A 615 2.83 -2.25 -16.90
CA PRO A 615 3.52 -2.67 -18.15
C PRO A 615 2.74 -2.44 -19.45
N GLY A 616 1.42 -2.63 -19.40
CA GLY A 616 0.55 -2.45 -20.57
C GLY A 616 0.15 -1.00 -20.88
N TYR A 617 0.30 -0.12 -19.88
CA TYR A 617 -0.06 1.30 -19.97
C TYR A 617 0.88 2.07 -20.92
N HIS A 618 0.43 2.19 -22.17
CA HIS A 618 1.14 2.90 -23.24
C HIS A 618 1.42 4.35 -22.81
N MET A 619 0.36 5.06 -22.41
CA MET A 619 0.44 6.47 -22.01
C MET A 619 1.39 6.74 -20.83
N ALA A 620 1.30 5.95 -19.76
CA ALA A 620 2.16 6.14 -18.59
C ALA A 620 3.63 5.89 -18.88
N LYS A 621 3.92 5.03 -19.85
CA LYS A 621 5.31 4.74 -20.25
C LYS A 621 5.90 5.96 -21.00
N LEU A 622 5.09 6.58 -21.87
CA LEU A 622 5.40 7.82 -22.60
C LEU A 622 5.70 8.98 -21.64
N ILE A 623 4.90 9.07 -20.56
CA ILE A 623 4.98 10.07 -19.47
C ILE A 623 6.34 9.97 -18.74
N ILE A 624 6.83 8.74 -18.53
CA ILE A 624 8.16 8.50 -17.92
C ILE A 624 9.25 8.99 -18.87
N LYS A 625 9.06 8.73 -20.17
CA LYS A 625 9.96 9.18 -21.22
C LYS A 625 9.98 10.72 -21.30
N LEU A 626 8.81 11.36 -21.17
CA LEU A 626 8.67 12.83 -21.18
C LEU A 626 9.48 13.48 -20.07
N VAL A 627 9.44 12.90 -18.85
CA VAL A 627 10.19 13.43 -17.70
C VAL A 627 11.68 13.36 -18.01
N THR A 628 12.16 12.21 -18.49
CA THR A 628 13.58 12.01 -18.83
C THR A 628 14.02 12.90 -20.02
N SER A 629 13.12 13.12 -20.97
CA SER A 629 13.35 14.00 -22.12
C SER A 629 13.55 15.46 -21.69
N ILE A 630 12.75 15.92 -20.72
CA ILE A 630 12.81 17.29 -20.15
C ILE A 630 14.08 17.47 -19.30
N GLY A 631 14.45 16.43 -18.54
CA GLY A 631 15.66 16.42 -17.72
C GLY A 631 16.94 16.51 -18.53
N ASP A 632 17.00 15.73 -19.61
CA ASP A 632 18.15 15.72 -20.54
C ASP A 632 18.32 17.06 -21.28
N VAL A 633 17.35 17.97 -21.08
CA VAL A 633 17.34 19.33 -21.62
C VAL A 633 17.68 20.31 -20.48
N VAL A 634 16.88 20.30 -19.40
CA VAL A 634 17.00 21.19 -18.22
C VAL A 634 18.32 21.00 -17.46
N ASN A 635 18.67 19.75 -17.12
CA ASN A 635 19.89 19.44 -16.37
C ASN A 635 21.14 19.71 -17.21
N HIS A 636 21.08 19.39 -18.51
CA HIS A 636 22.20 19.55 -19.46
C HIS A 636 22.08 20.87 -20.24
N ASP A 637 22.10 21.99 -19.49
CA ASP A 637 22.05 23.35 -20.02
C ASP A 637 22.78 24.30 -19.04
N PRO A 638 23.69 25.17 -19.56
CA PRO A 638 24.46 26.04 -18.66
C PRO A 638 23.77 27.37 -18.29
N VAL A 639 22.85 27.86 -19.16
CA VAL A 639 22.04 29.07 -18.97
C VAL A 639 21.16 28.86 -17.72
N VAL A 640 20.62 27.64 -17.60
CA VAL A 640 19.77 27.21 -16.48
C VAL A 640 20.58 27.07 -15.18
N GLY A 641 21.79 26.51 -15.28
CA GLY A 641 22.67 26.34 -14.13
C GLY A 641 22.05 25.44 -13.07
N ASP A 642 22.01 25.94 -11.84
CA ASP A 642 21.50 25.19 -10.68
C ASP A 642 20.11 25.61 -10.19
N ARG A 643 19.57 26.72 -10.70
CA ARG A 643 18.23 27.17 -10.29
C ARG A 643 17.08 26.23 -10.77
N LEU A 644 17.39 25.16 -11.53
CA LEU A 644 16.41 24.16 -11.98
C LEU A 644 17.05 22.81 -12.39
N LYS A 645 16.59 21.74 -11.73
CA LYS A 645 17.01 20.35 -11.95
C LYS A 645 15.78 19.40 -11.93
N VAL A 646 15.58 18.67 -13.02
CA VAL A 646 14.51 17.65 -13.17
C VAL A 646 15.18 16.30 -12.98
N ILE A 647 14.58 15.40 -12.19
CA ILE A 647 15.21 14.09 -11.90
C ILE A 647 14.16 12.98 -11.65
N PHE A 648 13.97 12.08 -12.63
CA PHE A 648 13.03 10.96 -12.48
C PHE A 648 13.61 9.92 -11.53
N LEU A 649 12.85 9.56 -10.49
CA LEU A 649 13.28 8.58 -9.50
C LEU A 649 12.98 7.13 -9.96
N GLU A 650 14.04 6.42 -10.34
CA GLU A 650 13.99 5.02 -10.80
C GLU A 650 13.74 4.10 -9.61
N ASN A 651 12.81 3.16 -9.81
CA ASN A 651 12.40 2.12 -8.85
C ASN A 651 11.89 2.72 -7.54
N TYR A 652 10.71 3.34 -7.61
CA TYR A 652 10.11 3.92 -6.40
C TYR A 652 9.48 2.76 -5.61
N ARG A 653 10.01 2.57 -4.39
CA ARG A 653 9.66 1.47 -3.47
C ARG A 653 9.36 2.00 -2.05
N VAL A 654 9.29 1.07 -1.10
CA VAL A 654 9.10 1.36 0.34
C VAL A 654 10.44 1.85 0.91
N SER A 655 11.56 1.29 0.46
CA SER A 655 12.89 1.69 0.92
C SER A 655 13.26 3.09 0.45
N LEU A 656 12.93 3.39 -0.81
CA LEU A 656 13.19 4.68 -1.45
C LEU A 656 12.37 5.81 -0.82
N ALA A 657 11.10 5.53 -0.47
CA ALA A 657 10.18 6.47 0.20
C ALA A 657 10.76 6.93 1.54
N GLU A 658 11.42 6.01 2.26
CA GLU A 658 12.08 6.30 3.54
C GLU A 658 13.31 7.22 3.38
N LYS A 659 13.75 7.45 2.14
CA LYS A 659 14.90 8.30 1.81
C LYS A 659 14.44 9.69 1.35
N VAL A 660 13.55 9.70 0.36
CA VAL A 660 13.08 10.93 -0.27
C VAL A 660 12.19 11.82 0.65
N ILE A 661 11.17 11.23 1.32
CA ILE A 661 10.21 11.97 2.18
C ILE A 661 10.89 12.70 3.39
N PRO A 662 11.84 12.06 4.14
CA PRO A 662 12.52 12.81 5.22
C PRO A 662 13.35 14.02 4.78
N ALA A 663 13.68 14.09 3.49
CA ALA A 663 14.46 15.18 2.88
C ALA A 663 13.65 16.04 1.88
N ALA A 664 12.32 15.97 1.91
CA ALA A 664 11.48 16.72 0.97
C ALA A 664 10.88 18.03 1.52
N ASP A 665 11.06 19.13 0.79
CA ASP A 665 10.54 20.47 1.13
C ASP A 665 9.05 20.51 0.79
N LEU A 666 8.75 20.37 -0.50
CA LEU A 666 7.40 20.41 -1.05
C LEU A 666 6.92 19.01 -1.48
N SER A 667 5.63 18.75 -1.28
CA SER A 667 4.93 17.51 -1.61
C SER A 667 3.81 17.77 -2.61
N GLN A 668 3.74 17.00 -3.68
CA GLN A 668 2.68 17.18 -4.67
C GLN A 668 1.73 15.99 -4.73
N GLN A 669 0.43 16.31 -4.63
CA GLN A 669 -0.71 15.40 -4.75
C GLN A 669 -1.75 16.16 -5.59
N ILE A 670 -1.36 16.39 -6.84
CA ILE A 670 -2.08 17.23 -7.81
C ILE A 670 -3.11 16.45 -8.69
N SER A 671 -3.70 15.39 -8.11
CA SER A 671 -4.68 14.53 -8.79
C SER A 671 -5.95 15.33 -9.14
N THR A 672 -6.64 14.99 -10.24
CA THR A 672 -7.91 15.61 -10.66
C THR A 672 -8.97 15.35 -9.58
N ALA A 673 -9.68 16.38 -9.11
CA ALA A 673 -10.71 16.21 -8.07
C ALA A 673 -11.88 15.32 -8.54
N GLY A 674 -12.23 14.37 -7.69
CA GLY A 674 -13.24 13.36 -7.97
C GLY A 674 -12.64 12.01 -8.28
N THR A 675 -11.32 11.88 -8.10
CA THR A 675 -10.60 10.64 -8.38
C THR A 675 -10.08 10.01 -7.09
N GLU A 676 -9.01 10.58 -6.51
CA GLU A 676 -8.35 10.03 -5.32
C GLU A 676 -9.31 9.92 -4.12
N ALA A 677 -9.63 8.66 -3.79
CA ALA A 677 -10.51 8.24 -2.70
C ALA A 677 -9.96 8.68 -1.37
N SER A 678 -8.71 8.27 -1.10
CA SER A 678 -7.98 8.66 0.11
C SER A 678 -6.52 8.97 -0.24
N GLY A 679 -5.68 7.94 -0.30
CA GLY A 679 -4.26 8.11 -0.52
C GLY A 679 -3.55 8.20 0.82
N THR A 680 -2.48 7.43 0.97
CA THR A 680 -1.70 7.39 2.21
C THR A 680 -0.34 8.10 2.08
N GLY A 681 0.08 8.34 0.84
CA GLY A 681 1.36 9.00 0.56
C GLY A 681 1.48 10.35 1.25
N ASN A 682 0.55 11.25 0.90
CA ASN A 682 0.38 12.61 1.45
C ASN A 682 0.58 12.70 2.97
N MET A 683 0.08 11.68 3.69
CA MET A 683 0.17 11.58 5.16
C MET A 683 1.61 11.45 5.67
N LYS A 684 2.46 10.74 4.92
CA LYS A 684 3.88 10.52 5.27
C LYS A 684 4.68 11.82 5.15
N PHE A 685 4.27 12.68 4.21
CA PHE A 685 4.90 13.99 3.95
C PHE A 685 4.65 14.97 5.09
N MET A 686 3.37 15.20 5.43
CA MET A 686 2.90 16.12 6.49
C MET A 686 3.68 15.91 7.80
N LEU A 687 3.81 14.64 8.22
CA LEU A 687 4.54 14.23 9.42
C LEU A 687 6.04 14.52 9.31
N ASN A 688 6.60 14.46 8.09
CA ASN A 688 8.04 14.70 7.86
C ASN A 688 8.38 16.15 7.46
N GLY A 689 7.41 17.05 7.69
CA GLY A 689 7.57 18.49 7.45
C GLY A 689 7.66 18.86 5.99
N ALA A 690 6.53 18.73 5.30
CA ALA A 690 6.45 19.06 3.88
C ALA A 690 5.12 19.70 3.59
N LEU A 691 5.18 20.82 2.88
CA LEU A 691 3.99 21.56 2.48
C LEU A 691 3.43 20.90 1.25
N THR A 692 2.16 20.50 1.32
CA THR A 692 1.54 19.76 0.21
C THR A 692 0.80 20.70 -0.77
N ILE A 693 0.80 20.34 -2.05
CA ILE A 693 0.07 21.02 -3.13
C ILE A 693 -0.95 20.00 -3.62
N GLY A 694 -2.21 20.39 -3.68
CA GLY A 694 -3.21 19.44 -4.16
C GLY A 694 -4.62 19.98 -4.23
N THR A 695 -5.44 19.33 -5.07
CA THR A 695 -6.83 19.70 -5.22
C THR A 695 -7.62 19.29 -3.94
N MET A 696 -8.92 19.64 -3.90
CA MET A 696 -9.78 19.31 -2.77
C MET A 696 -10.38 17.91 -2.98
N ASP A 697 -9.53 16.88 -2.88
CA ASP A 697 -9.94 15.47 -3.08
C ASP A 697 -9.12 14.52 -2.23
N GLY A 698 -9.82 13.53 -1.66
CA GLY A 698 -9.22 12.50 -0.82
C GLY A 698 -8.63 12.99 0.48
N ALA A 699 -7.41 12.53 0.77
CA ALA A 699 -6.64 12.86 1.98
C ALA A 699 -6.35 14.35 2.12
N ASN A 700 -6.44 15.09 1.01
CA ASN A 700 -6.25 16.53 0.99
C ASN A 700 -7.35 17.26 1.78
N VAL A 701 -8.61 16.81 1.59
CA VAL A 701 -9.80 17.36 2.28
C VAL A 701 -9.64 17.28 3.80
N GLU A 702 -9.39 16.08 4.33
CA GLU A 702 -9.25 15.82 5.76
C GLU A 702 -7.93 16.34 6.38
N MET A 703 -6.98 16.80 5.55
CA MET A 703 -5.73 17.40 6.03
C MET A 703 -5.91 18.91 6.22
N ALA A 704 -6.62 19.53 5.25
CA ALA A 704 -7.00 20.94 5.24
C ALA A 704 -8.06 21.22 6.31
N GLU A 705 -8.76 20.15 6.70
CA GLU A 705 -9.75 20.16 7.76
C GLU A 705 -9.03 20.08 9.10
N GLU A 706 -7.94 19.34 9.13
CA GLU A 706 -7.15 19.13 10.35
C GLU A 706 -6.16 20.27 10.64
N ALA A 707 -5.60 20.91 9.61
CA ALA A 707 -4.61 21.99 9.80
C ALA A 707 -5.01 23.37 9.28
N GLY A 708 -6.17 23.46 8.64
CA GLY A 708 -6.64 24.71 8.05
C GLY A 708 -6.11 24.91 6.63
N ALA A 709 -7.05 25.10 5.68
CA ALA A 709 -6.78 25.32 4.24
C ALA A 709 -5.78 26.45 3.94
N GLU A 710 -5.58 27.36 4.91
CA GLU A 710 -4.62 28.46 4.80
C GLU A 710 -3.17 27.94 4.92
N ASN A 711 -3.01 26.79 5.59
CA ASN A 711 -1.71 26.15 5.80
C ASN A 711 -1.35 25.06 4.76
N LEU A 712 -2.15 24.95 3.67
CA LEU A 712 -1.91 24.01 2.56
C LEU A 712 -2.20 24.66 1.21
N PHE A 713 -1.33 24.41 0.23
CA PHE A 713 -1.43 24.99 -1.12
C PHE A 713 -2.48 24.29 -2.00
N ILE A 714 -3.75 24.44 -1.63
CA ILE A 714 -4.88 23.86 -2.36
C ILE A 714 -5.16 24.70 -3.62
N PHE A 715 -5.44 24.02 -4.75
CA PHE A 715 -5.67 24.70 -6.03
C PHE A 715 -6.71 23.96 -6.87
N GLY A 716 -6.87 24.44 -8.10
CA GLY A 716 -7.72 23.83 -9.14
C GLY A 716 -9.16 23.60 -8.78
N LEU A 717 -9.90 23.00 -9.71
CA LEU A 717 -11.32 22.71 -9.54
C LEU A 717 -11.57 21.81 -8.33
N ARG A 718 -12.77 21.95 -7.75
CA ARG A 718 -13.25 21.12 -6.65
C ARG A 718 -14.27 20.20 -7.29
N VAL A 719 -14.54 19.05 -6.65
CA VAL A 719 -15.45 17.99 -7.14
C VAL A 719 -16.70 18.49 -7.94
N GLU A 720 -17.40 19.50 -7.40
CA GLU A 720 -18.61 20.06 -8.03
C GLU A 720 -18.30 20.85 -9.31
N ASP A 721 -17.18 21.60 -9.32
CA ASP A 721 -16.72 22.39 -10.49
C ASP A 721 -16.31 21.42 -11.60
N VAL A 722 -15.71 20.29 -11.19
CA VAL A 722 -15.32 19.20 -12.08
C VAL A 722 -16.61 18.70 -12.71
N GLU A 723 -17.59 18.35 -11.85
CA GLU A 723 -18.93 17.90 -12.26
C GLU A 723 -19.60 18.87 -13.23
N ALA A 724 -19.47 20.16 -12.93
CA ALA A 724 -20.00 21.28 -13.73
C ALA A 724 -19.28 21.43 -15.06
N LEU A 725 -17.95 21.22 -15.10
CA LEU A 725 -17.17 21.29 -16.34
C LEU A 725 -17.55 20.14 -17.27
N ASP A 726 -17.86 18.99 -16.64
CA ASP A 726 -18.33 17.79 -17.31
C ASP A 726 -19.74 18.04 -17.85
N ARG A 727 -20.49 18.90 -17.17
CA ARG A 727 -21.83 19.32 -17.60
C ARG A 727 -21.71 20.34 -18.75
N LYS A 728 -20.67 21.17 -18.67
CA LYS A 728 -20.34 22.20 -19.68
C LYS A 728 -19.86 21.57 -21.00
N GLY A 729 -19.08 20.49 -20.88
CA GLY A 729 -18.49 19.78 -22.02
C GLY A 729 -17.11 20.33 -22.34
N TYR A 730 -16.09 19.81 -21.63
CA TYR A 730 -14.66 20.21 -21.73
C TYR A 730 -14.06 20.23 -23.15
N ASN A 731 -13.39 21.35 -23.46
CA ASN A 731 -12.67 21.61 -24.72
C ASN A 731 -11.28 22.09 -24.31
N ALA A 732 -10.28 21.55 -24.99
CA ALA A 732 -8.90 21.89 -24.69
C ALA A 732 -8.46 23.19 -25.39
N ARG A 733 -8.95 23.39 -26.62
CA ARG A 733 -8.64 24.55 -27.47
C ARG A 733 -9.03 25.90 -26.82
N GLU A 734 -10.02 25.91 -25.90
CA GLU A 734 -10.46 27.09 -25.13
C GLU A 734 -9.30 27.55 -24.20
N TYR A 735 -8.40 26.61 -23.85
CA TYR A 735 -7.25 26.85 -22.98
C TYR A 735 -5.92 27.01 -23.75
N TYR A 736 -5.72 26.23 -24.82
CA TYR A 736 -4.48 26.25 -25.64
C TYR A 736 -4.34 27.55 -26.47
N ASP A 737 -5.39 27.93 -27.20
CA ASP A 737 -5.41 29.12 -28.05
C ASP A 737 -5.40 30.39 -27.18
N HIS A 738 -6.03 30.33 -26.00
CA HIS A 738 -6.15 31.49 -25.11
C HIS A 738 -5.20 31.44 -23.89
N LEU A 739 -3.91 31.18 -24.16
CA LEU A 739 -2.83 31.21 -23.15
C LEU A 739 -1.46 31.42 -23.81
N PRO A 740 -0.51 32.13 -23.13
CA PRO A 740 0.77 32.39 -23.78
C PRO A 740 1.81 31.28 -23.52
N GLU A 741 2.13 31.05 -22.25
CA GLU A 741 3.14 30.08 -21.83
C GLU A 741 2.66 28.61 -21.89
N LEU A 742 1.35 28.37 -22.00
CA LEU A 742 0.80 27.01 -22.19
C LEU A 742 1.03 26.63 -23.64
N LYS A 743 0.64 27.52 -24.57
CA LYS A 743 0.79 27.32 -26.02
C LYS A 743 2.24 26.94 -26.37
N GLN A 744 3.19 27.72 -25.82
CA GLN A 744 4.63 27.54 -25.96
C GLN A 744 5.06 26.14 -25.49
N ALA A 745 4.86 25.85 -24.19
CA ALA A 745 5.19 24.55 -23.53
C ALA A 745 4.67 23.31 -24.28
N VAL A 746 3.43 23.38 -24.77
CA VAL A 746 2.77 22.31 -25.51
C VAL A 746 3.34 22.18 -26.92
N ASP A 747 3.40 23.28 -27.69
CA ASP A 747 3.97 23.19 -29.05
C ASP A 747 5.51 22.94 -29.04
N GLN A 748 6.14 22.94 -27.85
CA GLN A 748 7.55 22.58 -27.64
C GLN A 748 7.67 21.06 -27.64
N ILE A 749 6.74 20.42 -26.90
CA ILE A 749 6.59 18.96 -26.79
C ILE A 749 6.22 18.38 -28.15
N SER A 750 5.25 18.99 -28.82
CA SER A 750 4.79 18.56 -30.15
C SER A 750 5.85 18.74 -31.26
N SER A 751 6.61 19.83 -31.19
CA SER A 751 7.72 20.13 -32.13
C SER A 751 8.90 19.17 -31.94
N GLY A 752 9.05 18.68 -30.72
CA GLY A 752 10.11 17.76 -30.34
C GLY A 752 11.31 18.52 -29.82
N PHE A 753 11.05 19.58 -29.05
CA PHE A 753 12.09 20.41 -28.42
C PHE A 753 12.82 19.55 -27.38
N PHE A 754 12.13 18.55 -26.82
CA PHE A 754 12.69 17.66 -25.79
C PHE A 754 13.05 16.29 -26.34
N SER A 755 12.49 15.95 -27.50
CA SER A 755 12.85 14.74 -28.22
C SER A 755 13.30 15.15 -29.63
N PRO A 756 14.55 15.66 -29.77
CA PRO A 756 14.97 16.18 -31.10
C PRO A 756 15.21 15.10 -32.15
N LYS A 757 15.75 13.95 -31.72
CA LYS A 757 16.05 12.81 -32.60
C LYS A 757 14.76 12.03 -32.98
N GLU A 758 13.72 12.13 -32.13
CA GLU A 758 12.39 11.53 -32.34
C GLU A 758 11.34 12.67 -32.18
N PRO A 759 11.21 13.58 -33.17
CA PRO A 759 10.28 14.73 -33.00
C PRO A 759 8.80 14.41 -32.81
N ASP A 760 8.36 13.20 -33.21
CA ASP A 760 6.95 12.76 -33.06
C ASP A 760 6.76 11.81 -31.89
N CYS A 761 7.74 11.76 -30.97
CA CYS A 761 7.74 10.87 -29.81
C CYS A 761 6.49 11.04 -28.92
N PHE A 762 6.12 12.28 -28.57
CA PHE A 762 4.97 12.53 -27.70
C PHE A 762 3.70 12.95 -28.45
N LYS A 763 3.54 12.48 -29.68
CA LYS A 763 2.35 12.74 -30.50
C LYS A 763 1.06 12.36 -29.74
N ASP A 764 1.08 11.17 -29.13
CA ASP A 764 -0.06 10.63 -28.37
C ASP A 764 -0.34 11.39 -27.06
N ILE A 765 0.69 12.02 -26.45
CA ILE A 765 0.54 12.86 -25.25
C ILE A 765 -0.25 14.13 -25.60
N VAL A 766 0.20 14.82 -26.67
CA VAL A 766 -0.43 16.04 -27.22
C VAL A 766 -1.89 15.74 -27.61
N ASN A 767 -2.09 14.84 -28.60
CA ASN A 767 -3.40 14.35 -29.10
C ASN A 767 -4.38 14.09 -27.96
N MET A 768 -3.86 13.62 -26.81
CA MET A 768 -4.64 13.32 -25.61
C MET A 768 -5.03 14.62 -24.92
N LEU A 769 -4.03 15.38 -24.44
CA LEU A 769 -4.22 16.67 -23.77
C LEU A 769 -5.04 17.66 -24.61
N MET A 770 -5.14 17.40 -25.91
CA MET A 770 -5.90 18.23 -26.84
C MET A 770 -7.28 17.70 -27.19
N HIS A 771 -7.47 16.38 -27.20
CA HIS A 771 -8.78 15.85 -27.65
C HIS A 771 -9.42 14.88 -26.69
N HIS A 772 -8.67 13.89 -26.20
CA HIS A 772 -9.24 12.85 -25.29
C HIS A 772 -8.55 12.82 -23.93
N ASP A 773 -8.58 13.98 -23.24
CA ASP A 773 -8.05 14.10 -21.88
C ASP A 773 -9.25 14.09 -20.97
N ARG A 774 -9.40 13.01 -20.21
CA ARG A 774 -10.54 12.83 -19.30
C ARG A 774 -10.21 13.32 -17.87
N PHE A 775 -9.01 13.86 -17.66
CA PHE A 775 -8.60 14.35 -16.34
C PHE A 775 -8.21 15.83 -16.36
N LYS A 776 -8.93 16.60 -17.21
CA LYS A 776 -8.84 18.07 -17.38
C LYS A 776 -7.52 18.66 -16.91
N VAL A 777 -6.46 18.49 -17.71
CA VAL A 777 -5.10 18.91 -17.35
C VAL A 777 -4.91 20.42 -17.61
N PHE A 778 -5.40 20.90 -18.75
CA PHE A 778 -5.31 22.32 -19.09
C PHE A 778 -6.26 23.19 -18.23
N ALA A 779 -7.37 22.60 -17.77
CA ALA A 779 -8.37 23.26 -16.92
C ALA A 779 -7.83 23.70 -15.55
N ASP A 780 -6.78 23.02 -15.08
CA ASP A 780 -6.14 23.36 -13.82
C ASP A 780 -4.71 23.91 -13.99
N TYR A 781 -4.31 24.18 -15.25
CA TYR A 781 -2.98 24.72 -15.60
C TYR A 781 -2.68 26.08 -14.92
N GLU A 782 -3.53 27.09 -15.18
CA GLU A 782 -3.43 28.43 -14.60
C GLU A 782 -3.45 28.35 -13.07
N ALA A 783 -4.49 27.70 -12.53
CA ALA A 783 -4.70 27.48 -11.10
C ALA A 783 -3.48 26.86 -10.39
N TYR A 784 -2.85 25.88 -11.03
CA TYR A 784 -1.65 25.18 -10.55
C TYR A 784 -0.45 26.12 -10.50
N MET A 785 -0.24 26.88 -11.59
CA MET A 785 0.88 27.80 -11.70
C MET A 785 0.79 29.02 -10.78
N GLN A 786 -0.37 29.69 -10.71
CA GLN A 786 -0.52 30.83 -9.79
C GLN A 786 -0.44 30.33 -8.34
N CYS A 787 -0.77 29.05 -8.12
CA CYS A 787 -0.64 28.40 -6.82
C CYS A 787 0.85 28.24 -6.56
N GLN A 788 1.56 27.76 -7.58
CA GLN A 788 3.02 27.56 -7.54
C GLN A 788 3.80 28.86 -7.33
N ALA A 789 3.18 30.01 -7.69
CA ALA A 789 3.75 31.34 -7.47
C ALA A 789 3.73 31.65 -5.97
N GLN A 790 2.62 31.27 -5.31
CA GLN A 790 2.45 31.43 -3.85
C GLN A 790 3.44 30.50 -3.12
N VAL A 791 3.66 29.33 -3.72
CA VAL A 791 4.60 28.34 -3.23
C VAL A 791 6.01 28.94 -3.33
N ASP A 792 6.33 29.53 -4.49
CA ASP A 792 7.63 30.16 -4.79
C ASP A 792 7.95 31.30 -3.81
N GLN A 793 7.00 32.23 -3.60
CA GLN A 793 7.19 33.36 -2.68
C GLN A 793 7.33 32.92 -1.21
N LEU A 794 6.53 31.93 -0.78
CA LEU A 794 6.58 31.41 0.59
C LEU A 794 7.93 30.75 0.92
N TYR A 795 8.55 30.13 -0.10
CA TYR A 795 9.87 29.51 0.05
C TYR A 795 11.00 30.56 -0.04
N ARG A 796 10.71 31.74 -0.64
CA ARG A 796 11.65 32.87 -0.71
C ARG A 796 11.95 33.40 0.70
N ASN A 797 10.94 33.29 1.58
CA ASN A 797 11.01 33.62 3.02
C ASN A 797 11.39 32.33 3.78
N PRO A 798 12.42 32.35 4.64
CA PRO A 798 12.78 31.11 5.34
C PRO A 798 11.89 30.78 6.56
N LYS A 799 11.72 31.75 7.47
CA LYS A 799 10.95 31.58 8.71
C LYS A 799 9.45 31.35 8.48
N GLU A 800 8.84 32.06 7.54
CA GLU A 800 7.41 31.90 7.25
C GLU A 800 7.06 30.58 6.53
N TRP A 801 8.04 29.93 5.88
CA TRP A 801 7.89 28.61 5.26
C TRP A 801 7.91 27.58 6.41
N THR A 802 8.95 27.59 7.25
CA THR A 802 9.11 26.67 8.40
C THR A 802 8.06 26.91 9.51
N LYS A 803 7.37 28.06 9.47
CA LYS A 803 6.28 28.35 10.42
C LYS A 803 5.02 27.65 9.94
N LYS A 804 4.75 27.73 8.62
CA LYS A 804 3.61 27.06 7.96
C LYS A 804 3.79 25.53 8.03
N VAL A 805 5.06 25.09 8.13
CA VAL A 805 5.47 23.68 8.22
C VAL A 805 5.17 23.10 9.62
N ILE A 806 5.52 23.85 10.67
CA ILE A 806 5.30 23.43 12.07
C ILE A 806 3.80 23.24 12.43
N ARG A 807 2.90 23.80 11.59
CA ARG A 807 1.43 23.63 11.70
C ARG A 807 1.10 22.19 11.29
N ASN A 808 1.63 21.79 10.12
CA ASN A 808 1.45 20.47 9.50
C ASN A 808 1.88 19.33 10.44
N ILE A 809 3.06 19.46 11.06
CA ILE A 809 3.59 18.45 11.99
C ILE A 809 2.72 18.36 13.25
N ALA A 810 2.15 19.49 13.70
CA ALA A 810 1.28 19.56 14.88
C ALA A 810 -0.11 18.93 14.69
N CYS A 811 -0.60 18.90 13.45
CA CYS A 811 -1.92 18.37 13.10
C CYS A 811 -1.92 16.93 12.51
N SER A 812 -0.73 16.38 12.22
CA SER A 812 -0.55 15.02 11.67
C SER A 812 -1.03 13.87 12.58
N GLY A 813 -1.17 14.14 13.89
CA GLY A 813 -1.62 13.19 14.92
C GLY A 813 -2.77 12.27 14.61
N LYS A 814 -3.80 12.79 13.94
CA LYS A 814 -5.02 12.05 13.52
C LYS A 814 -4.66 10.93 12.55
N PHE A 815 -3.76 11.24 11.61
CA PHE A 815 -3.32 10.34 10.55
C PHE A 815 -2.39 9.21 11.03
N SER A 816 -2.50 8.82 12.31
CA SER A 816 -1.76 7.69 12.89
C SER A 816 -2.48 6.39 12.56
N SER A 817 -1.70 5.34 12.26
CA SER A 817 -2.25 4.02 11.95
C SER A 817 -2.90 3.38 13.17
N ASP A 818 -2.36 3.70 14.36
CA ASP A 818 -2.87 3.24 15.66
C ASP A 818 -4.30 3.75 15.90
N ARG A 819 -4.58 4.99 15.48
CA ARG A 819 -5.90 5.61 15.56
C ARG A 819 -6.91 4.78 14.72
N THR A 820 -6.51 4.40 13.51
CA THR A 820 -7.35 3.61 12.60
C THR A 820 -7.56 2.20 13.18
N ILE A 821 -6.50 1.60 13.73
CA ILE A 821 -6.57 0.25 14.33
C ILE A 821 -7.48 0.27 15.56
N THR A 822 -7.35 1.25 16.46
CA THR A 822 -8.25 1.36 17.63
C THR A 822 -9.70 1.57 17.16
N GLU A 823 -9.90 2.29 16.06
CA GLU A 823 -11.22 2.50 15.46
C GLU A 823 -11.80 1.22 14.82
N TYR A 824 -10.94 0.36 14.28
CA TYR A 824 -11.40 -0.92 13.70
C TYR A 824 -11.76 -1.88 14.84
N ALA A 825 -10.89 -1.94 15.86
CA ALA A 825 -11.03 -2.76 17.06
C ALA A 825 -12.28 -2.42 17.88
N ARG A 826 -12.74 -1.17 17.79
CA ARG A 826 -13.90 -0.71 18.55
C ARG A 826 -15.16 -0.65 17.72
N GLU A 827 -15.13 0.08 16.60
CA GLU A 827 -16.33 0.20 15.76
C GLU A 827 -16.65 -1.05 14.93
N ILE A 828 -15.71 -2.01 14.77
CA ILE A 828 -15.99 -3.20 13.94
C ILE A 828 -15.68 -4.54 14.63
N TRP A 829 -14.44 -4.72 15.06
CA TRP A 829 -13.93 -6.03 15.53
C TRP A 829 -14.39 -6.45 16.93
N GLY A 830 -14.91 -5.51 17.72
CA GLY A 830 -15.39 -5.79 19.07
C GLY A 830 -14.32 -6.31 20.02
N VAL A 831 -13.13 -5.70 19.95
CA VAL A 831 -11.99 -6.07 20.80
C VAL A 831 -11.41 -4.85 21.52
N GLU A 832 -10.91 -5.09 22.74
CA GLU A 832 -10.33 -4.05 23.57
C GLU A 832 -8.80 -3.92 23.33
N PRO A 833 -8.35 -2.74 22.83
CA PRO A 833 -6.91 -2.55 22.55
C PRO A 833 -6.02 -2.62 23.81
N SER A 834 -4.93 -3.40 23.70
CA SER A 834 -3.92 -3.65 24.76
C SER A 834 -4.48 -4.26 26.06
N ASP A 835 -5.63 -4.95 25.96
CA ASP A 835 -6.32 -5.63 27.09
C ASP A 835 -5.60 -6.92 27.48
N LEU A 836 -4.90 -7.51 26.49
CA LEU A 836 -4.09 -8.71 26.65
C LEU A 836 -2.63 -8.33 26.35
N GLN A 837 -1.80 -8.29 27.39
CA GLN A 837 -0.38 -7.91 27.26
C GLN A 837 0.51 -9.12 27.54
N ILE A 838 1.66 -9.17 26.86
CA ILE A 838 2.57 -10.32 26.93
C ILE A 838 3.70 -10.05 27.96
N PRO A 839 3.87 -10.95 28.96
CA PRO A 839 4.91 -10.74 29.97
C PRO A 839 6.30 -11.21 29.50
N PRO A 840 7.41 -10.75 30.14
CA PRO A 840 8.73 -11.20 29.68
C PRO A 840 9.08 -12.62 30.14
N PRO A 841 9.30 -13.59 29.21
CA PRO A 841 9.63 -14.95 29.64
C PRO A 841 11.15 -15.17 29.85
N ASN A 842 11.57 -16.45 29.91
CA ASN A 842 13.00 -16.85 30.01
C ASN A 842 13.24 -18.27 29.43
N ILE A 843 14.24 -18.37 28.52
CA ILE A 843 14.65 -19.57 27.75
C ILE A 843 13.49 -20.27 27.02
#